data_2CV2
#
_entry.id   2CV2
#
_cell.length_a   110.317
_cell.length_b   219.822
_cell.length_c   135.831
_cell.angle_alpha   90.00
_cell.angle_beta   90.00
_cell.angle_gamma   90.00
#
_symmetry.space_group_name_H-M   'C 2 2 21'
#
loop_
_entity.id
_entity.type
_entity.pdbx_description
1 polymer tRNA
2 polymer 'glutamyl-tRNA synthetase'
3 non-polymer 'MAGNESIUM ION'
4 non-polymer 'CHLORIDE ION'
5 non-polymer "O5'-(L-GLUTAMYL-SULFAMOYL)-ADENOSINE"
6 water water
#
loop_
_entity_poly.entity_id
_entity_poly.type
_entity_poly.pdbx_seq_one_letter_code
_entity_poly.pdbx_strand_id
1 'polyribonucleotide' GGCCCCAUCGUCUAGCGGUUAGGACGCGGCCCUCUCAAGGCCGAAACGGGGGUUCGAUUCCCCCUGGGGUCACCA C,D
2 'polypeptide(L)'
;MVVTRIAPSPTGDPHVGTAYIALFNYAWARRNGGRFIVRIEDTDRARYVPGAEERILAALKWLGLSYDEGPDVGGPHGPY
RQSERLPLYQKYAEELLKRGWAYRAFETPEELEQIRKEKGGYDGRARNIPPEEAEERARRGEPHVIRLKVPRPGTTEVKD
ELRGVVVYDNQEIPDVVLLKSDGYPTYHLANVVDDHLMGVTDVIRAEEWLVSTPIHVLLYRAFGWEAPRFYHMPLLRNPD
KTKISKRKSHTSLDWYKAEGFLPEALRNYLCLMGFSMPDGREIFTLEEFIQAFTWERVSLGGPVFDLEKLRWMNGKYIRE
VLSLEEVAERVKPFLREAGLSWESEAYLRRAVELMRPRFDTLKEFPEKARYLFTEDYPVSEKAQRKLEEGLPLLKELYPR
LRAQEEWTEAALEALLRGFAAEKGVKLGQVAQPLRAALTGSLETPGLFEILALLGKERALRRLERALA
;
A,B
#
loop_
_chem_comp.id
_chem_comp.type
_chem_comp.name
_chem_comp.formula
A RNA linking ADENOSINE-5'-MONOPHOSPHATE 'C10 H14 N5 O7 P'
C RNA linking CYTIDINE-5'-MONOPHOSPHATE 'C9 H14 N3 O8 P'
CL non-polymer 'CHLORIDE ION' 'Cl -1'
G RNA linking GUANOSINE-5'-MONOPHOSPHATE 'C10 H14 N5 O8 P'
MG non-polymer 'MAGNESIUM ION' 'Mg 2'
U RNA linking URIDINE-5'-MONOPHOSPHATE 'C9 H13 N2 O9 P'
#
# COMPACT_ATOMS: atom_id res chain seq x y z
N MET C 1 31.14 54.85 14.54
CA MET C 1 30.52 54.37 15.81
C MET C 1 30.72 52.85 16.05
N VAL C 2 29.64 52.16 16.40
CA VAL C 2 29.67 50.73 16.66
C VAL C 2 28.51 50.02 15.98
N VAL C 3 28.84 49.11 15.07
CA VAL C 3 27.84 48.32 14.34
C VAL C 3 28.19 46.83 14.52
N THR C 4 27.32 46.07 15.17
CA THR C 4 27.56 44.63 15.39
C THR C 4 26.49 43.79 14.64
N ARG C 5 26.67 42.48 14.58
CA ARG C 5 25.67 41.65 13.91
C ARG C 5 25.70 40.20 14.29
N ILE C 6 24.57 39.55 14.04
CA ILE C 6 24.41 38.13 14.28
C ILE C 6 24.13 37.65 12.84
N ALA C 7 24.94 36.69 12.38
CA ALA C 7 24.81 36.18 11.03
C ALA C 7 24.46 34.70 11.04
N PRO C 8 23.26 34.35 11.51
CA PRO C 8 22.80 32.96 11.59
C PRO C 8 22.79 32.30 10.23
N SER C 9 22.96 30.99 10.24
CA SER C 9 22.92 30.20 9.02
C SER C 9 21.65 29.32 9.13
N PRO C 10 20.63 29.57 8.30
CA PRO C 10 19.38 28.79 8.33
C PRO C 10 19.53 27.32 7.92
N THR C 11 20.00 26.50 8.85
CA THR C 11 20.22 25.10 8.57
C THR C 11 19.67 24.12 9.59
N GLY C 12 18.78 24.56 10.47
CA GLY C 12 18.21 23.68 11.47
C GLY C 12 17.44 24.48 12.49
N ASP C 13 17.17 23.90 13.65
CA ASP C 13 16.44 24.64 14.66
C ASP C 13 17.26 25.84 15.13
N PRO C 14 16.59 26.85 15.70
CA PRO C 14 17.21 28.08 16.21
C PRO C 14 18.14 27.67 17.35
N HIS C 15 19.42 27.64 17.06
CA HIS C 15 20.46 27.20 17.98
C HIS C 15 20.72 28.09 19.20
N VAL C 16 20.82 27.50 20.37
CA VAL C 16 21.07 28.27 21.58
C VAL C 16 22.36 29.04 21.47
N GLY C 17 23.31 28.51 20.71
CA GLY C 17 24.59 29.18 20.54
C GLY C 17 24.36 30.50 19.82
N THR C 18 23.33 30.50 18.97
CA THR C 18 22.96 31.68 18.21
C THR C 18 22.40 32.71 19.14
N ALA C 19 21.59 32.29 20.09
CA ALA C 19 21.02 33.26 21.02
C ALA C 19 22.16 33.85 21.87
N TYR C 20 23.00 32.95 22.38
CA TYR C 20 24.12 33.34 23.20
C TYR C 20 24.99 34.40 22.55
N ILE C 21 25.37 34.18 21.30
CA ILE C 21 26.22 35.16 20.64
C ILE C 21 25.43 36.45 20.36
N ALA C 22 24.18 36.32 19.92
CA ALA C 22 23.36 37.50 19.61
C ALA C 22 23.18 38.43 20.80
N LEU C 23 23.22 37.87 21.99
CA LEU C 23 23.04 38.62 23.22
C LEU C 23 24.24 39.52 23.46
N PHE C 24 25.43 39.00 23.27
CA PHE C 24 26.61 39.81 23.47
C PHE C 24 26.72 40.87 22.38
N ASN C 25 26.23 40.57 21.19
CA ASN C 25 26.28 41.57 20.12
C ASN C 25 25.27 42.68 20.39
N TYR C 26 24.11 42.29 20.87
CA TYR C 26 23.08 43.25 21.23
C TYR C 26 23.55 44.18 22.39
N ALA C 27 24.16 43.60 23.42
CA ALA C 27 24.63 44.40 24.56
C ALA C 27 25.68 45.39 24.12
N TRP C 28 26.67 44.90 23.41
CA TRP C 28 27.76 45.75 22.96
C TRP C 28 27.23 46.90 22.11
N ALA C 29 26.37 46.61 21.13
CA ALA C 29 25.85 47.68 20.31
C ALA C 29 25.11 48.73 21.16
N ARG C 30 24.14 48.31 21.96
CA ARG C 30 23.42 49.24 22.79
C ARG C 30 24.31 50.00 23.77
N ARG C 31 25.17 49.29 24.47
CA ARG C 31 26.08 49.92 25.42
C ARG C 31 26.87 51.06 24.75
N ASN C 32 27.03 51.01 23.43
CA ASN C 32 27.76 52.05 22.72
C ASN C 32 26.84 52.91 21.87
N GLY C 33 25.53 52.78 22.08
CA GLY C 33 24.60 53.55 21.29
C GLY C 33 24.84 53.30 19.80
N GLY C 34 25.03 52.03 19.46
CA GLY C 34 25.30 51.67 18.09
C GLY C 34 24.18 50.85 17.49
N ARG C 35 24.48 50.22 16.36
CA ARG C 35 23.51 49.42 15.63
C ARG C 35 23.74 47.90 15.70
N PHE C 36 22.66 47.17 15.85
CA PHE C 36 22.72 45.72 15.92
C PHE C 36 21.96 45.16 14.68
N ILE C 37 22.72 44.54 13.78
CA ILE C 37 22.22 43.99 12.51
C ILE C 37 21.96 42.49 12.52
N VAL C 38 21.00 42.04 11.74
CA VAL C 38 20.76 40.60 11.58
C VAL C 38 20.98 40.30 10.09
N ARG C 39 21.89 39.40 9.77
CA ARG C 39 22.18 39.03 8.38
C ARG C 39 22.02 37.53 8.27
N ILE C 40 21.14 37.07 7.38
CA ILE C 40 20.91 35.63 7.21
C ILE C 40 21.90 35.09 6.20
N GLU C 41 22.69 34.12 6.66
CA GLU C 41 23.70 33.53 5.80
C GLU C 41 23.24 32.20 5.21
N ASP C 42 22.45 32.29 4.13
CA ASP C 42 21.95 31.13 3.42
C ASP C 42 22.69 30.96 2.10
N THR C 43 23.99 30.62 2.16
CA THR C 43 24.78 30.45 0.94
C THR C 43 25.01 29.00 0.52
N ASP C 44 24.65 28.06 1.38
CA ASP C 44 24.83 26.64 1.09
C ASP C 44 23.49 26.01 0.75
N ARG C 45 23.17 25.84 -0.53
CA ARG C 45 21.89 25.25 -0.90
C ARG C 45 21.67 23.81 -0.42
N ALA C 46 22.74 23.03 -0.24
CA ALA C 46 22.61 21.65 0.23
C ALA C 46 22.14 21.54 1.66
N ARG C 47 22.63 22.42 2.53
CA ARG C 47 22.24 22.38 3.94
C ARG C 47 21.07 23.30 4.29
N TYR C 48 20.54 24.01 3.30
CA TYR C 48 19.45 24.93 3.58
C TYR C 48 18.18 24.21 4.02
N VAL C 49 17.67 24.64 5.16
CA VAL C 49 16.46 24.07 5.75
C VAL C 49 15.35 25.12 5.67
N PRO C 50 14.43 24.98 4.71
CA PRO C 50 13.32 25.92 4.53
C PRO C 50 12.48 26.07 5.80
N GLY C 51 12.24 27.31 6.24
CA GLY C 51 11.47 27.53 7.45
C GLY C 51 12.34 27.80 8.66
N ALA C 52 13.65 27.70 8.46
CA ALA C 52 14.62 27.90 9.53
C ALA C 52 14.73 29.37 9.88
N GLU C 53 14.91 30.20 8.84
CA GLU C 53 15.03 31.66 8.95
C GLU C 53 13.94 32.32 9.81
N GLU C 54 12.67 32.03 9.54
CA GLU C 54 11.57 32.59 10.33
C GLU C 54 11.73 32.17 11.78
N ARG C 55 12.00 30.89 11.97
CA ARG C 55 12.17 30.33 13.30
C ARG C 55 13.30 30.96 14.11
N ILE C 56 14.40 31.31 13.47
CA ILE C 56 15.51 31.93 14.18
C ILE C 56 15.16 33.40 14.50
N LEU C 57 14.54 34.09 13.53
CA LEU C 57 14.12 35.47 13.74
C LEU C 57 13.07 35.54 14.85
N ALA C 58 12.16 34.56 14.87
CA ALA C 58 11.15 34.57 15.92
C ALA C 58 11.83 34.32 17.27
N ALA C 59 12.70 33.32 17.33
CA ALA C 59 13.40 33.01 18.57
C ALA C 59 14.19 34.20 19.17
N LEU C 60 14.87 34.99 18.33
CA LEU C 60 15.59 36.13 18.88
C LEU C 60 14.62 37.17 19.46
N LYS C 61 13.46 37.36 18.82
CA LYS C 61 12.51 38.33 19.34
C LYS C 61 11.88 37.80 20.63
N TRP C 62 11.66 36.49 20.66
CA TRP C 62 11.09 35.81 21.82
C TRP C 62 11.98 36.00 23.07
N LEU C 63 13.29 35.93 22.87
CA LEU C 63 14.27 36.07 23.94
C LEU C 63 14.37 37.49 24.45
N GLY C 64 13.79 38.43 23.70
CA GLY C 64 13.83 39.81 24.10
C GLY C 64 14.78 40.68 23.31
N LEU C 65 15.46 40.11 22.33
CA LEU C 65 16.38 40.90 21.56
C LEU C 65 15.61 41.72 20.54
N SER C 66 16.26 42.73 19.99
CA SER C 66 15.66 43.56 18.96
C SER C 66 16.82 43.88 18.07
N TYR C 67 16.54 44.06 16.79
CA TYR C 67 17.59 44.44 15.89
C TYR C 67 17.14 45.68 15.17
N ASP C 68 18.12 46.41 14.68
CA ASP C 68 17.88 47.66 14.01
C ASP C 68 17.78 47.51 12.50
N GLU C 69 18.50 46.55 11.96
CA GLU C 69 18.47 46.31 10.53
C GLU C 69 18.37 44.79 10.33
N GLY C 70 17.65 44.36 9.30
CA GLY C 70 17.48 42.93 9.08
C GLY C 70 16.41 42.59 8.06
N PRO C 71 16.22 41.29 7.76
CA PRO C 71 15.25 40.69 6.82
C PRO C 71 13.85 41.21 6.92
N ASP C 72 13.36 41.33 8.15
CA ASP C 72 12.00 41.79 8.39
C ASP C 72 11.80 43.14 9.11
N VAL C 73 12.83 43.99 9.12
CA VAL C 73 12.68 45.29 9.75
C VAL C 73 13.25 46.36 8.86
N GLY C 74 13.74 45.94 7.69
CA GLY C 74 14.30 46.85 6.70
C GLY C 74 15.68 47.32 7.07
N GLY C 75 16.23 48.22 6.27
CA GLY C 75 17.54 48.75 6.55
C GLY C 75 18.18 49.30 5.29
N PRO C 76 19.09 50.26 5.43
CA PRO C 76 19.79 50.90 4.32
C PRO C 76 20.72 50.03 3.49
N HIS C 77 21.22 48.93 4.03
CA HIS C 77 22.18 48.13 3.28
C HIS C 77 21.75 46.75 2.92
N GLY C 78 20.45 46.57 2.71
CA GLY C 78 19.93 45.26 2.34
C GLY C 78 20.16 44.87 0.90
N PRO C 79 19.65 43.71 0.48
CA PRO C 79 18.90 42.76 1.30
C PRO C 79 19.76 42.27 2.46
N TYR C 80 19.14 41.57 3.39
CA TYR C 80 19.87 41.07 4.54
C TYR C 80 19.87 39.54 4.54
N ARG C 81 19.87 39.01 3.34
CA ARG C 81 19.87 37.58 3.06
C ARG C 81 20.97 37.43 2.01
N GLN C 82 22.00 36.64 2.30
CA GLN C 82 23.06 36.56 1.31
C GLN C 82 22.61 35.96 -0.02
N SER C 83 21.67 35.02 0.01
CA SER C 83 21.21 34.43 -1.23
C SER C 83 20.69 35.50 -2.20
N GLU C 84 20.27 36.64 -1.69
CA GLU C 84 19.79 37.71 -2.56
C GLU C 84 20.89 38.65 -2.99
N ARG C 85 22.11 38.40 -2.53
CA ARG C 85 23.25 39.25 -2.86
C ARG C 85 24.26 38.56 -3.79
N LEU C 86 23.88 37.41 -4.31
CA LEU C 86 24.76 36.66 -5.19
C LEU C 86 25.56 37.47 -6.20
N PRO C 87 24.89 38.29 -7.04
CA PRO C 87 25.63 39.09 -8.04
C PRO C 87 26.73 39.92 -7.37
N LEU C 88 26.41 40.41 -6.18
CA LEU C 88 27.35 41.22 -5.46
C LEU C 88 28.67 40.48 -5.21
N TYR C 89 28.61 39.23 -4.74
CA TYR C 89 29.84 38.49 -4.48
C TYR C 89 30.61 38.19 -5.79
N GLN C 90 29.90 37.86 -6.87
CA GLN C 90 30.51 37.62 -8.18
C GLN C 90 31.45 38.77 -8.52
N LYS C 91 30.87 39.98 -8.50
CA LYS C 91 31.59 41.22 -8.78
C LYS C 91 32.87 41.31 -7.96
N TYR C 92 32.81 41.03 -6.65
CA TYR C 92 34.02 41.13 -5.82
C TYR C 92 34.98 39.98 -6.01
N ALA C 93 34.47 38.81 -6.37
CA ALA C 93 35.37 37.70 -6.61
C ALA C 93 36.16 38.02 -7.89
N GLU C 94 35.51 38.60 -8.88
CA GLU C 94 36.21 38.93 -10.12
C GLU C 94 37.19 40.08 -9.92
N GLU C 95 36.90 40.95 -8.96
CA GLU C 95 37.76 42.07 -8.67
C GLU C 95 39.06 41.57 -8.09
N LEU C 96 39.00 40.52 -7.29
CA LEU C 96 40.19 39.94 -6.67
C LEU C 96 41.09 39.32 -7.74
N LEU C 97 40.43 38.68 -8.72
CA LEU C 97 41.05 38.03 -9.87
C LEU C 97 41.98 39.01 -10.59
N LYS C 98 41.45 40.20 -10.85
CA LYS C 98 42.21 41.24 -11.50
C LYS C 98 43.30 41.76 -10.59
N ARG C 99 43.00 41.98 -9.31
CA ARG C 99 44.04 42.45 -8.41
C ARG C 99 45.13 41.41 -8.22
N GLY C 100 44.90 40.22 -8.78
CA GLY C 100 45.87 39.14 -8.67
C GLY C 100 45.79 38.42 -7.33
N TRP C 101 44.78 38.74 -6.52
CA TRP C 101 44.62 38.13 -5.20
C TRP C 101 43.85 36.81 -5.15
N ALA C 102 43.48 36.29 -6.31
CA ALA C 102 42.75 35.02 -6.39
C ALA C 102 42.99 34.40 -7.75
N TYR C 103 42.61 33.14 -7.92
CA TYR C 103 42.78 32.45 -9.20
C TYR C 103 41.67 31.45 -9.41
N ARG C 104 41.46 31.02 -10.66
CA ARG C 104 40.40 30.05 -10.94
C ARG C 104 40.99 28.65 -10.90
N ALA C 105 40.31 27.73 -10.23
CA ALA C 105 40.78 26.35 -10.12
C ALA C 105 39.70 25.45 -10.73
N PHE C 106 40.10 24.61 -11.68
CA PHE C 106 39.12 23.76 -12.36
C PHE C 106 38.99 22.32 -11.92
N GLU C 107 39.77 21.92 -10.92
CA GLU C 107 39.72 20.53 -10.43
C GLU C 107 38.32 20.08 -10.05
N THR C 108 38.04 18.82 -10.32
CA THR C 108 36.75 18.26 -9.94
C THR C 108 36.80 17.86 -8.47
N PRO C 109 35.64 17.65 -7.85
CA PRO C 109 35.60 17.26 -6.45
C PRO C 109 36.45 16.01 -6.23
N GLU C 110 36.38 15.08 -7.18
CA GLU C 110 37.15 13.84 -7.08
C GLU C 110 38.66 14.06 -7.15
N GLU C 111 39.11 14.93 -8.06
CA GLU C 111 40.53 15.18 -8.14
C GLU C 111 40.98 15.83 -6.83
N LEU C 112 40.18 16.75 -6.29
CA LEU C 112 40.53 17.41 -5.04
C LEU C 112 40.64 16.43 -3.88
N GLU C 113 39.82 15.40 -3.89
CA GLU C 113 39.83 14.41 -2.84
C GLU C 113 41.14 13.64 -2.90
N GLN C 114 41.59 13.41 -4.13
CA GLN C 114 42.83 12.69 -4.37
C GLN C 114 44.04 13.52 -3.95
N ILE C 115 44.05 14.81 -4.31
CA ILE C 115 45.15 15.69 -3.94
C ILE C 115 45.25 15.76 -2.42
N ARG C 116 44.08 15.77 -1.77
CA ARG C 116 43.99 15.84 -0.31
C ARG C 116 44.60 14.56 0.29
N LYS C 117 44.35 13.41 -0.36
CA LYS C 117 44.89 12.13 0.10
C LYS C 117 46.41 12.04 -0.02
N GLU C 118 46.99 12.67 -1.04
CA GLU C 118 48.42 12.62 -1.29
C GLU C 118 49.19 13.71 -0.59
N LYS C 119 48.79 14.96 -0.81
CA LYS C 119 49.48 16.09 -0.22
C LYS C 119 48.74 16.69 0.99
N GLY C 120 47.52 16.24 1.25
CA GLY C 120 46.75 16.75 2.36
C GLY C 120 46.35 18.19 2.15
N GLY C 121 45.17 18.42 1.60
CA GLY C 121 44.71 19.78 1.36
C GLY C 121 45.21 20.23 0.01
N TYR C 122 44.48 21.12 -0.64
CA TYR C 122 44.84 21.63 -1.96
C TYR C 122 46.29 22.18 -1.98
N ASP C 123 47.00 21.93 -3.08
CA ASP C 123 48.38 22.40 -3.22
C ASP C 123 48.55 23.64 -4.09
N GLY C 124 47.44 24.27 -4.47
CA GLY C 124 47.53 25.48 -5.27
C GLY C 124 48.03 25.29 -6.67
N ARG C 125 47.88 24.08 -7.20
CA ARG C 125 48.34 23.78 -8.55
C ARG C 125 47.71 24.66 -9.61
N ALA C 126 46.46 25.07 -9.44
CA ALA C 126 45.80 25.92 -10.44
C ALA C 126 46.45 27.30 -10.59
N ARG C 127 47.33 27.67 -9.66
CA ARG C 127 48.04 28.94 -9.78
C ARG C 127 48.97 28.93 -10.99
N ASN C 128 49.36 27.74 -11.42
CA ASN C 128 50.23 27.59 -12.57
C ASN C 128 49.50 27.62 -13.91
N ILE C 129 48.24 28.03 -13.90
CA ILE C 129 47.48 28.13 -15.15
C ILE C 129 47.57 29.58 -15.63
N PRO C 130 48.09 29.80 -16.86
CA PRO C 130 48.21 31.16 -17.41
C PRO C 130 46.87 31.87 -17.26
N PRO C 131 46.86 33.07 -16.67
CA PRO C 131 45.62 33.85 -16.47
C PRO C 131 44.74 33.96 -17.72
N GLU C 132 45.36 34.00 -18.89
CA GLU C 132 44.61 34.11 -20.13
C GLU C 132 43.86 32.81 -20.43
N GLU C 133 44.54 31.69 -20.24
CA GLU C 133 43.92 30.38 -20.48
C GLU C 133 42.83 30.13 -19.44
N ALA C 134 43.03 30.64 -18.24
CA ALA C 134 42.04 30.46 -17.19
C ALA C 134 40.78 31.17 -17.61
N GLU C 135 40.92 32.43 -18.02
CA GLU C 135 39.79 33.24 -18.47
C GLU C 135 39.12 32.60 -19.68
N GLU C 136 39.92 32.14 -20.62
CA GLU C 136 39.41 31.48 -21.81
C GLU C 136 38.59 30.25 -21.44
N ARG C 137 39.12 29.41 -20.55
CA ARG C 137 38.44 28.20 -20.13
C ARG C 137 37.15 28.52 -19.37
N ALA C 138 37.04 29.73 -18.85
CA ALA C 138 35.85 30.15 -18.11
C ALA C 138 34.75 30.58 -19.08
N ARG C 139 35.12 31.33 -20.11
CA ARG C 139 34.16 31.77 -21.12
C ARG C 139 33.54 30.54 -21.78
N ARG C 140 34.27 29.43 -21.80
CA ARG C 140 33.75 28.21 -22.40
C ARG C 140 32.76 27.53 -21.46
N GLY C 141 32.48 28.15 -20.33
CA GLY C 141 31.53 27.58 -19.38
C GLY C 141 32.06 26.42 -18.58
N GLU C 142 33.35 26.19 -18.68
CA GLU C 142 33.97 25.10 -17.93
C GLU C 142 33.81 25.35 -16.43
N PRO C 143 33.19 24.42 -15.69
CA PRO C 143 32.99 24.58 -14.25
C PRO C 143 34.30 24.82 -13.49
N HIS C 144 34.26 25.73 -12.53
CA HIS C 144 35.43 26.05 -11.74
C HIS C 144 35.07 26.85 -10.49
N VAL C 145 36.05 27.06 -9.61
CA VAL C 145 35.87 27.82 -8.39
C VAL C 145 36.94 28.89 -8.39
N ILE C 146 36.77 29.92 -7.57
CA ILE C 146 37.76 30.96 -7.48
C ILE C 146 38.37 30.79 -6.10
N ARG C 147 39.69 30.77 -6.01
CA ARG C 147 40.32 30.57 -4.72
C ARG C 147 41.10 31.79 -4.32
N LEU C 148 41.35 31.91 -3.03
CA LEU C 148 42.10 33.03 -2.50
C LEU C 148 43.54 32.71 -2.79
N LYS C 149 44.26 33.67 -3.37
CA LYS C 149 45.66 33.46 -3.67
C LYS C 149 46.48 33.94 -2.48
N VAL C 150 46.70 33.07 -1.49
CA VAL C 150 47.45 33.43 -0.31
C VAL C 150 48.91 33.78 -0.62
N PRO C 151 49.41 34.88 -0.04
CA PRO C 151 50.79 35.37 -0.21
C PRO C 151 51.75 34.43 0.47
N ARG C 152 52.46 33.64 -0.33
CA ARG C 152 53.43 32.70 0.20
C ARG C 152 54.84 33.11 -0.26
N PRO C 153 55.83 33.04 0.67
CA PRO C 153 55.66 32.61 2.06
C PRO C 153 55.28 33.86 2.83
N GLY C 154 54.99 33.73 4.12
CA GLY C 154 54.61 34.90 4.89
C GLY C 154 53.97 34.62 6.24
N THR C 155 53.53 35.70 6.88
CA THR C 155 52.89 35.57 8.18
C THR C 155 51.69 36.53 8.24
N THR C 156 50.59 36.10 8.87
CA THR C 156 49.42 36.95 8.96
C THR C 156 48.99 37.16 10.40
N GLU C 157 48.92 38.41 10.83
CA GLU C 157 48.53 38.71 12.19
C GLU C 157 47.06 39.01 12.40
N VAL C 158 46.47 38.36 13.40
CA VAL C 158 45.09 38.58 13.75
C VAL C 158 45.08 39.19 15.16
N LYS C 159 44.24 40.20 15.35
CA LYS C 159 44.14 40.85 16.63
C LYS C 159 42.83 40.51 17.27
N ASP C 160 42.88 39.80 18.38
CA ASP C 160 41.67 39.44 19.07
C ASP C 160 41.60 40.35 20.29
N GLU C 161 40.52 41.12 20.40
CA GLU C 161 40.39 42.04 21.52
C GLU C 161 40.42 41.39 22.88
N LEU C 162 40.22 40.09 22.93
CA LEU C 162 40.18 39.40 24.21
C LEU C 162 41.39 38.55 24.53
N ARG C 163 42.21 38.24 23.52
CA ARG C 163 43.38 37.38 23.72
C ARG C 163 44.68 38.00 23.26
N GLY C 164 44.59 39.19 22.67
CA GLY C 164 45.80 39.85 22.18
C GLY C 164 46.07 39.47 20.72
N VAL C 165 47.29 39.67 20.25
CA VAL C 165 47.63 39.35 18.88
C VAL C 165 48.01 37.89 18.77
N VAL C 166 47.56 37.24 17.70
CA VAL C 166 47.89 35.82 17.45
C VAL C 166 48.50 35.76 16.05
N VAL C 167 49.70 35.20 15.98
CA VAL C 167 50.44 35.08 14.73
C VAL C 167 50.20 33.79 13.98
N TYR C 168 49.86 33.91 12.70
CA TYR C 168 49.65 32.74 11.87
C TYR C 168 50.66 32.72 10.73
N ASP C 169 51.12 31.53 10.42
CA ASP C 169 52.07 31.32 9.36
C ASP C 169 51.25 31.05 8.11
N ASN C 170 51.44 31.86 7.08
CA ASN C 170 50.70 31.66 5.85
C ASN C 170 50.66 30.20 5.37
N GLN C 171 51.65 29.38 5.74
CA GLN C 171 51.62 27.98 5.32
C GLN C 171 50.49 27.22 6.03
N GLU C 172 49.91 27.85 7.04
CA GLU C 172 48.78 27.28 7.80
C GLU C 172 47.47 27.77 7.17
N ILE C 173 47.57 28.69 6.21
CA ILE C 173 46.38 29.26 5.56
C ILE C 173 46.17 28.75 4.13
N PRO C 174 45.16 27.90 3.93
CA PRO C 174 44.92 27.37 2.58
C PRO C 174 44.36 28.38 1.59
N ASP C 175 44.52 28.08 0.31
CA ASP C 175 44.02 28.93 -0.76
C ASP C 175 42.52 28.66 -0.86
N VAL C 176 41.80 29.07 0.18
CA VAL C 176 40.35 28.83 0.32
C VAL C 176 39.47 29.21 -0.85
N VAL C 177 38.46 28.39 -1.12
CA VAL C 177 37.59 28.76 -2.22
C VAL C 177 36.75 29.95 -1.78
N LEU C 178 36.67 30.94 -2.65
CA LEU C 178 35.91 32.17 -2.40
C LEU C 178 34.55 32.07 -3.07
N LEU C 179 34.53 31.60 -4.31
CA LEU C 179 33.30 31.44 -5.07
C LEU C 179 33.18 29.99 -5.54
N LYS C 180 32.04 29.34 -5.28
CA LYS C 180 31.84 27.95 -5.67
C LYS C 180 31.42 27.82 -7.13
N SER C 181 31.65 26.66 -7.73
CA SER C 181 31.32 26.45 -9.13
C SER C 181 29.85 26.64 -9.51
N ASP C 182 28.97 26.71 -8.52
CA ASP C 182 27.54 26.93 -8.79
C ASP C 182 27.27 28.45 -8.75
N GLY C 183 28.33 29.21 -8.51
CA GLY C 183 28.22 30.66 -8.47
C GLY C 183 27.87 31.24 -7.12
N TYR C 184 27.80 30.37 -6.11
CA TYR C 184 27.49 30.83 -4.77
C TYR C 184 28.82 31.05 -4.09
N PRO C 185 28.87 31.98 -3.13
CA PRO C 185 30.13 32.25 -2.43
C PRO C 185 30.30 31.32 -1.24
N THR C 186 31.47 31.34 -0.64
CA THR C 186 31.70 30.55 0.56
C THR C 186 31.56 31.56 1.71
N TYR C 187 31.35 31.04 2.89
CA TYR C 187 31.26 31.85 4.07
C TYR C 187 32.33 32.96 4.04
N HIS C 188 33.58 32.59 3.82
CA HIS C 188 34.67 33.56 3.78
C HIS C 188 34.48 34.77 2.88
N LEU C 189 34.03 34.55 1.64
CA LEU C 189 33.85 35.68 0.75
C LEU C 189 32.71 36.57 1.21
N ALA C 190 31.56 35.95 1.45
CA ALA C 190 30.37 36.69 1.83
C ALA C 190 30.51 37.48 3.14
N ASN C 191 31.18 36.89 4.11
CA ASN C 191 31.35 37.51 5.40
C ASN C 191 32.09 38.83 5.38
N VAL C 192 33.20 38.89 4.66
CA VAL C 192 34.00 40.11 4.59
C VAL C 192 33.34 41.19 3.74
N VAL C 193 32.86 40.78 2.58
CA VAL C 193 32.21 41.72 1.68
C VAL C 193 31.03 42.35 2.41
N ASP C 194 30.19 41.51 2.98
CA ASP C 194 29.03 41.98 3.68
C ASP C 194 29.32 42.75 4.97
N ASP C 195 30.27 42.30 5.77
CA ASP C 195 30.56 43.02 6.98
C ASP C 195 31.01 44.42 6.61
N HIS C 196 31.81 44.51 5.56
CA HIS C 196 32.30 45.81 5.12
C HIS C 196 31.16 46.71 4.61
N LEU C 197 30.39 46.20 3.66
CA LEU C 197 29.26 46.90 3.05
C LEU C 197 28.18 47.31 4.04
N MET C 198 28.03 46.56 5.12
CA MET C 198 27.02 46.86 6.13
C MET C 198 27.60 47.66 7.31
N GLY C 199 28.82 48.14 7.16
CA GLY C 199 29.45 48.92 8.19
C GLY C 199 29.83 48.23 9.49
N VAL C 200 29.90 46.90 9.55
CA VAL C 200 30.25 46.36 10.85
C VAL C 200 31.67 46.74 11.25
N THR C 201 31.81 47.07 12.53
CA THR C 201 33.07 47.51 13.11
C THR C 201 33.50 46.61 14.25
N ASP C 202 32.54 45.86 14.77
CA ASP C 202 32.82 44.94 15.88
C ASP C 202 32.24 43.56 15.60
N VAL C 203 33.11 42.64 15.25
CA VAL C 203 32.70 41.27 14.98
C VAL C 203 32.87 40.39 16.23
N ILE C 204 31.73 39.91 16.74
CA ILE C 204 31.69 39.06 17.93
C ILE C 204 31.05 37.75 17.45
N ARG C 205 31.81 36.67 17.53
CA ARG C 205 31.32 35.36 17.09
C ARG C 205 32.05 34.35 17.99
N ALA C 206 31.68 33.08 17.99
CA ALA C 206 32.38 32.16 18.88
C ALA C 206 33.75 31.81 18.39
N GLU C 207 34.57 31.38 19.33
CA GLU C 207 35.95 30.95 19.15
C GLU C 207 36.21 29.91 18.02
N GLU C 208 35.18 29.19 17.61
CA GLU C 208 35.38 28.21 16.55
C GLU C 208 35.89 28.88 15.26
N TRP C 209 35.75 30.20 15.18
CA TRP C 209 36.18 30.96 14.02
C TRP C 209 37.54 31.62 14.08
N LEU C 210 38.18 31.64 15.26
CA LEU C 210 39.48 32.30 15.41
C LEU C 210 40.47 31.94 14.31
N VAL C 211 40.66 30.64 14.04
CA VAL C 211 41.59 30.18 13.01
C VAL C 211 41.18 30.56 11.59
N SER C 212 39.92 30.88 11.36
CA SER C 212 39.54 31.27 10.02
C SER C 212 39.76 32.77 9.89
N THR C 213 39.85 33.45 11.03
CA THR C 213 40.01 34.91 11.00
C THR C 213 41.16 35.42 10.14
N PRO C 214 42.33 34.74 10.13
CA PRO C 214 43.44 35.22 9.28
C PRO C 214 43.04 35.30 7.81
N ILE C 215 42.18 34.38 7.37
CA ILE C 215 41.71 34.37 5.98
C ILE C 215 40.95 35.69 5.71
N HIS C 216 40.19 36.12 6.71
CA HIS C 216 39.40 37.35 6.61
C HIS C 216 40.29 38.58 6.68
N VAL C 217 41.33 38.53 7.50
CA VAL C 217 42.24 39.65 7.57
C VAL C 217 42.87 39.84 6.19
N LEU C 218 43.24 38.74 5.54
CA LEU C 218 43.85 38.79 4.21
C LEU C 218 42.87 39.26 3.15
N LEU C 219 41.59 38.94 3.32
CA LEU C 219 40.59 39.38 2.34
C LEU C 219 40.43 40.90 2.44
N TYR C 220 40.38 41.41 3.68
CA TYR C 220 40.23 42.86 3.87
C TYR C 220 41.41 43.57 3.22
N ARG C 221 42.59 42.96 3.31
CA ARG C 221 43.76 43.54 2.70
C ARG C 221 43.61 43.50 1.18
N ALA C 222 43.32 42.32 0.63
CA ALA C 222 43.14 42.20 -0.82
C ALA C 222 42.21 43.26 -1.39
N PHE C 223 41.16 43.63 -0.65
CA PHE C 223 40.24 44.67 -1.12
C PHE C 223 40.72 46.07 -0.75
N GLY C 224 41.69 46.13 0.15
CA GLY C 224 42.19 47.42 0.59
C GLY C 224 41.20 48.04 1.58
N TRP C 225 40.54 47.20 2.38
CA TRP C 225 39.61 47.73 3.36
C TRP C 225 40.21 47.63 4.76
N GLU C 226 39.60 48.35 5.68
CA GLU C 226 40.03 48.35 7.08
C GLU C 226 39.28 47.21 7.78
N ALA C 227 40.01 46.49 8.61
CA ALA C 227 39.45 45.36 9.33
C ALA C 227 38.71 45.78 10.58
N PRO C 228 37.63 45.08 10.89
CA PRO C 228 36.90 45.44 12.11
C PRO C 228 37.61 44.81 13.29
N ARG C 229 37.13 45.10 14.49
CA ARG C 229 37.71 44.52 15.69
C ARG C 229 37.06 43.13 15.84
N PHE C 230 37.84 42.18 16.36
CA PHE C 230 37.38 40.84 16.54
C PHE C 230 37.31 40.44 18.02
N TYR C 231 36.19 39.83 18.42
CA TYR C 231 36.04 39.33 19.79
C TYR C 231 35.47 37.96 19.67
N HIS C 232 36.28 36.95 19.96
CA HIS C 232 35.83 35.56 19.89
C HIS C 232 35.39 35.03 21.23
N MET C 233 34.12 34.65 21.30
CA MET C 233 33.49 34.14 22.52
C MET C 233 33.72 32.64 22.69
N PRO C 234 33.57 32.15 23.92
CA PRO C 234 33.78 30.72 24.11
C PRO C 234 32.59 29.91 23.60
N LEU C 235 32.84 28.67 23.20
CA LEU C 235 31.79 27.78 22.70
C LEU C 235 31.03 27.13 23.84
N LEU C 236 29.71 27.13 23.75
CA LEU C 236 28.89 26.47 24.74
C LEU C 236 29.17 24.95 24.57
N ARG C 237 29.16 24.20 25.68
CA ARG C 237 29.47 22.76 25.65
C ARG C 237 28.39 21.82 26.17
N ASN C 238 28.52 20.54 25.79
CA ASN C 238 27.65 19.46 26.27
C ASN C 238 28.20 19.15 27.65
N PRO C 239 27.48 18.36 28.44
CA PRO C 239 28.02 18.08 29.77
C PRO C 239 29.39 17.38 29.72
N ASP C 240 29.69 16.73 28.61
CA ASP C 240 30.97 16.03 28.44
C ASP C 240 32.05 16.95 27.86
N LYS C 241 31.86 18.25 27.99
CA LYS C 241 32.81 19.26 27.50
C LYS C 241 32.91 19.43 25.98
N THR C 242 32.26 18.58 25.20
CA THR C 242 32.32 18.74 23.76
C THR C 242 31.44 19.93 23.31
N LYS C 243 31.73 20.50 22.15
CA LYS C 243 30.91 21.61 21.63
C LYS C 243 29.46 21.15 21.69
N ILE C 244 28.61 21.96 22.28
CA ILE C 244 27.21 21.59 22.44
C ILE C 244 26.61 21.09 21.12
N SER C 245 25.78 20.03 21.19
CA SER C 245 25.15 19.44 19.99
C SER C 245 23.77 18.81 20.29
N LYS C 246 22.91 18.64 19.29
CA LYS C 246 21.58 18.07 19.54
C LYS C 246 21.44 16.65 20.08
N ARG C 247 22.43 15.82 19.85
CA ARG C 247 22.36 14.44 20.35
C ARG C 247 22.71 14.30 21.84
N LYS C 248 23.51 15.22 22.38
CA LYS C 248 23.91 15.15 23.79
C LYS C 248 23.26 16.22 24.65
N SER C 249 22.64 17.20 24.01
CA SER C 249 21.96 18.30 24.71
C SER C 249 20.76 18.83 23.95
N HIS C 250 20.03 19.75 24.57
CA HIS C 250 18.90 20.40 23.92
C HIS C 250 19.45 21.68 23.36
N THR C 251 19.61 21.74 22.05
CA THR C 251 20.18 22.95 21.50
C THR C 251 19.15 23.82 20.80
N SER C 252 17.95 23.29 20.62
CA SER C 252 16.88 24.01 19.93
C SER C 252 16.09 24.96 20.82
N LEU C 253 16.12 26.25 20.50
CA LEU C 253 15.39 27.24 21.28
C LEU C 253 13.89 26.96 21.34
N ASP C 254 13.33 26.38 20.30
CA ASP C 254 11.90 26.08 20.29
C ASP C 254 11.61 24.96 21.28
N TRP C 255 12.65 24.20 21.64
CA TRP C 255 12.47 23.14 22.61
C TRP C 255 12.31 23.79 23.98
N TYR C 256 13.19 24.72 24.30
CA TYR C 256 13.08 25.41 25.59
C TYR C 256 11.71 26.09 25.73
N LYS C 257 11.24 26.75 24.66
CA LYS C 257 9.94 27.43 24.70
C LYS C 257 8.80 26.42 24.91
N ALA C 258 8.86 25.29 24.22
CA ALA C 258 7.84 24.25 24.35
C ALA C 258 7.90 23.58 25.71
N GLU C 259 9.07 23.58 26.33
CA GLU C 259 9.18 22.96 27.64
C GLU C 259 8.69 23.88 28.78
N GLY C 260 8.33 25.11 28.45
CA GLY C 260 7.85 26.02 29.47
C GLY C 260 8.95 26.76 30.19
N PHE C 261 10.02 27.08 29.47
CA PHE C 261 11.06 27.85 30.08
C PHE C 261 10.70 29.28 29.75
N LEU C 262 10.84 30.17 30.72
CA LEU C 262 10.53 31.56 30.48
C LEU C 262 11.66 32.12 29.65
N PRO C 263 11.32 32.85 28.57
CA PRO C 263 12.42 33.39 27.75
C PRO C 263 13.34 34.34 28.54
N GLU C 264 12.78 35.04 29.52
CA GLU C 264 13.55 35.96 30.34
C GLU C 264 14.62 35.22 31.13
N ALA C 265 14.31 34.01 31.58
CA ALA C 265 15.24 33.23 32.36
C ALA C 265 16.30 32.61 31.47
N LEU C 266 15.87 32.02 30.37
CA LEU C 266 16.81 31.41 29.46
C LEU C 266 17.82 32.47 29.04
N ARG C 267 17.35 33.71 28.91
CA ARG C 267 18.23 34.81 28.52
C ARG C 267 19.22 35.09 29.63
N ASN C 268 18.71 35.20 30.85
CA ASN C 268 19.50 35.48 32.02
C ASN C 268 20.57 34.37 32.21
N TYR C 269 20.16 33.13 31.98
CA TYR C 269 21.08 32.03 32.13
C TYR C 269 22.21 32.14 31.10
N LEU C 270 21.85 32.37 29.85
CA LEU C 270 22.82 32.50 28.79
C LEU C 270 23.82 33.63 29.03
N CYS C 271 23.48 34.60 29.87
CA CYS C 271 24.40 35.68 30.14
C CYS C 271 25.49 35.27 31.11
N LEU C 272 25.17 34.33 32.02
CA LEU C 272 26.16 33.88 32.97
C LEU C 272 27.16 32.91 32.35
N MET C 273 27.01 32.63 31.05
CA MET C 273 27.92 31.72 30.36
C MET C 273 29.08 32.53 29.81
N GLY C 274 30.04 32.89 30.65
CA GLY C 274 31.18 33.67 30.17
C GLY C 274 31.11 35.14 30.53
N PHE C 275 30.21 35.48 31.45
CA PHE C 275 30.07 36.85 31.93
C PHE C 275 29.43 36.88 33.32
N SER C 276 29.83 37.86 34.13
CA SER C 276 29.26 37.97 35.46
C SER C 276 29.21 39.41 35.95
N MET C 277 28.12 39.73 36.63
CA MET C 277 27.91 41.06 37.19
C MET C 277 28.99 41.37 38.23
N PRO C 278 29.37 42.66 38.36
CA PRO C 278 30.39 43.14 39.30
C PRO C 278 30.14 42.67 40.74
N ASP C 279 28.90 42.87 41.19
CA ASP C 279 28.49 42.51 42.55
C ASP C 279 28.07 41.05 42.72
N GLY C 280 28.39 40.21 41.73
CA GLY C 280 28.08 38.79 41.80
C GLY C 280 26.62 38.39 41.71
N ARG C 281 25.76 39.39 41.56
CA ARG C 281 24.34 39.18 41.44
C ARG C 281 24.05 38.32 40.20
N GLU C 282 23.19 37.33 40.32
CA GLU C 282 22.90 36.53 39.14
C GLU C 282 21.50 36.60 38.54
N ILE C 283 20.62 37.36 39.14
CA ILE C 283 19.30 37.49 38.58
C ILE C 283 19.23 38.94 38.19
N PHE C 284 19.12 39.18 36.88
CA PHE C 284 19.03 40.53 36.40
C PHE C 284 18.28 40.59 35.09
N THR C 285 17.84 41.79 34.76
CA THR C 285 17.08 42.08 33.55
C THR C 285 18.00 42.30 32.35
N LEU C 286 17.43 42.23 31.15
CA LEU C 286 18.20 42.43 29.93
C LEU C 286 18.77 43.85 29.95
N GLU C 287 17.97 44.81 30.42
CA GLU C 287 18.43 46.18 30.46
C GLU C 287 19.61 46.38 31.42
N GLU C 288 19.58 45.71 32.58
CA GLU C 288 20.70 45.82 33.53
C GLU C 288 21.96 45.19 32.91
N PHE C 289 21.76 44.12 32.14
CA PHE C 289 22.84 43.43 31.48
C PHE C 289 23.58 44.36 30.53
N ILE C 290 22.83 45.08 29.71
CA ILE C 290 23.42 46.02 28.75
C ILE C 290 24.25 47.05 29.51
N GLN C 291 23.63 47.61 30.55
CA GLN C 291 24.27 48.62 31.37
C GLN C 291 25.55 48.18 32.09
N ALA C 292 25.62 46.93 32.52
CA ALA C 292 26.80 46.50 33.21
C ALA C 292 27.83 45.88 32.29
N PHE C 293 27.43 45.55 31.06
CA PHE C 293 28.37 44.90 30.15
C PHE C 293 29.75 45.53 30.01
N THR C 294 30.75 44.68 29.87
CA THR C 294 32.14 45.09 29.77
C THR C 294 33.00 43.91 29.35
N TRP C 295 33.84 44.05 28.34
CA TRP C 295 34.69 42.94 27.96
C TRP C 295 35.65 42.50 29.07
N GLU C 296 35.94 43.38 30.04
CA GLU C 296 36.83 43.02 31.14
C GLU C 296 36.22 41.89 31.99
N ARG C 297 34.89 41.75 31.94
CA ARG C 297 34.22 40.73 32.72
C ARG C 297 33.73 39.52 31.95
N VAL C 298 34.39 39.19 30.85
CA VAL C 298 34.03 38.03 30.06
C VAL C 298 35.08 36.93 30.31
N SER C 299 34.64 35.72 30.65
CA SER C 299 35.53 34.57 30.90
C SER C 299 35.78 33.81 29.62
N LEU C 300 37.01 33.37 29.37
CA LEU C 300 37.28 32.64 28.13
C LEU C 300 37.21 31.10 28.07
N GLY C 301 36.86 30.42 29.15
CA GLY C 301 36.77 28.96 29.05
C GLY C 301 35.39 28.46 28.61
N GLY C 302 35.34 27.40 27.80
CA GLY C 302 34.07 26.85 27.32
C GLY C 302 33.09 26.31 28.36
N PRO C 303 32.02 27.05 28.67
CA PRO C 303 31.02 26.64 29.66
C PRO C 303 30.04 25.49 29.34
N VAL C 304 29.90 24.58 30.30
CA VAL C 304 28.99 23.48 30.15
C VAL C 304 27.59 24.05 30.38
N PHE C 305 26.67 23.74 29.47
CA PHE C 305 25.31 24.21 29.58
C PHE C 305 24.61 23.22 30.49
N ASP C 306 24.36 23.68 31.71
CA ASP C 306 23.75 22.92 32.80
C ASP C 306 22.23 23.10 32.90
N LEU C 307 21.49 22.11 32.40
CA LEU C 307 20.03 22.16 32.41
C LEU C 307 19.38 22.31 33.78
N GLU C 308 20.03 21.79 34.82
CA GLU C 308 19.46 21.89 36.14
C GLU C 308 19.46 23.31 36.67
N LYS C 309 20.55 24.05 36.47
CA LYS C 309 20.58 25.41 36.96
C LYS C 309 19.60 26.25 36.15
N LEU C 310 19.39 25.89 34.90
CA LEU C 310 18.45 26.61 34.06
C LEU C 310 17.05 26.41 34.65
N ARG C 311 16.73 25.19 35.07
CA ARG C 311 15.43 24.96 35.67
C ARG C 311 15.33 25.79 36.95
N TRP C 312 16.37 25.78 37.76
CA TRP C 312 16.32 26.53 38.98
C TRP C 312 16.05 28.01 38.75
N MET C 313 16.76 28.58 37.79
CA MET C 313 16.61 29.98 37.48
C MET C 313 15.20 30.26 36.97
N ASN C 314 14.67 29.34 36.16
CA ASN C 314 13.35 29.52 35.62
C ASN C 314 12.35 29.58 36.74
N GLY C 315 12.55 28.74 37.77
CA GLY C 315 11.65 28.72 38.91
C GLY C 315 11.79 29.97 39.77
N LYS C 316 12.99 30.51 39.81
CA LYS C 316 13.26 31.73 40.56
C LYS C 316 12.47 32.88 39.89
N TYR C 317 12.45 32.87 38.57
CA TYR C 317 11.72 33.90 37.85
C TYR C 317 10.25 33.73 38.15
N ILE C 318 9.75 32.50 38.01
CA ILE C 318 8.34 32.22 38.23
C ILE C 318 7.89 32.61 39.62
N ARG C 319 8.78 32.61 40.59
CA ARG C 319 8.29 32.96 41.89
C ARG C 319 8.72 34.31 42.44
N GLU C 320 9.76 34.92 41.87
CA GLU C 320 10.27 36.20 42.37
C GLU C 320 10.41 37.36 41.42
N VAL C 321 10.45 37.09 40.13
CA VAL C 321 10.62 38.18 39.18
C VAL C 321 9.31 38.58 38.52
N LEU C 322 8.50 37.60 38.13
CA LEU C 322 7.24 37.90 37.49
C LEU C 322 6.19 38.04 38.56
N SER C 323 5.14 38.76 38.21
CA SER C 323 4.02 38.97 39.10
C SER C 323 3.13 37.74 38.99
N LEU C 324 2.24 37.59 39.96
CA LEU C 324 1.30 36.49 39.97
C LEU C 324 0.47 36.50 38.68
N GLU C 325 0.11 37.69 38.22
CA GLU C 325 -0.70 37.84 37.02
C GLU C 325 0.06 37.48 35.77
N GLU C 326 1.35 37.79 35.71
CA GLU C 326 2.12 37.45 34.52
C GLU C 326 2.27 35.94 34.42
N VAL C 327 2.48 35.29 35.57
CA VAL C 327 2.62 33.84 35.56
C VAL C 327 1.31 33.20 35.12
N ALA C 328 0.20 33.71 35.62
CA ALA C 328 -1.10 33.15 35.26
C ALA C 328 -1.40 33.27 33.79
N GLU C 329 -0.81 34.26 33.14
CA GLU C 329 -1.04 34.41 31.72
C GLU C 329 -0.19 33.42 30.93
N ARG C 330 1.08 33.32 31.32
CA ARG C 330 2.02 32.43 30.64
C ARG C 330 1.72 30.96 30.84
N VAL C 331 0.84 30.66 31.78
CA VAL C 331 0.50 29.27 32.03
C VAL C 331 -0.64 28.76 31.14
N LYS C 332 -1.46 29.66 30.62
CA LYS C 332 -2.62 29.29 29.81
C LYS C 332 -2.38 28.39 28.62
N PRO C 333 -1.37 28.70 27.80
CA PRO C 333 -1.08 27.87 26.63
C PRO C 333 -0.80 26.43 27.04
N PHE C 334 -0.13 26.27 28.17
CA PHE C 334 0.23 24.96 28.67
C PHE C 334 -0.97 24.23 29.22
N LEU C 335 -1.95 24.99 29.73
CA LEU C 335 -3.17 24.39 30.24
C LEU C 335 -3.97 23.89 29.04
N ARG C 336 -4.06 24.74 28.02
CA ARG C 336 -4.77 24.41 26.78
C ARG C 336 -4.12 23.22 26.08
N GLU C 337 -2.80 23.20 26.05
CA GLU C 337 -2.08 22.10 25.41
C GLU C 337 -2.27 20.78 26.17
N ALA C 338 -2.73 20.85 27.40
CA ALA C 338 -2.95 19.66 28.22
C ALA C 338 -4.43 19.27 28.20
N GLY C 339 -5.24 20.08 27.52
CA GLY C 339 -6.65 19.81 27.45
C GLY C 339 -7.41 20.17 28.71
N LEU C 340 -6.84 21.05 29.52
CA LEU C 340 -7.54 21.45 30.73
C LEU C 340 -8.11 22.83 30.53
N SER C 341 -9.12 23.14 31.33
CA SER C 341 -9.78 24.43 31.27
C SER C 341 -9.86 25.04 32.67
N TRP C 342 -10.07 26.35 32.73
CA TRP C 342 -10.19 27.00 34.00
C TRP C 342 -11.54 27.75 33.97
N GLU C 343 -12.27 27.75 35.08
CA GLU C 343 -13.57 28.40 35.13
C GLU C 343 -13.52 29.88 34.84
N SER C 344 -12.58 30.58 35.47
CA SER C 344 -12.48 32.03 35.32
C SER C 344 -11.06 32.47 35.58
N GLU C 345 -10.83 33.76 35.43
CA GLU C 345 -9.51 34.32 35.67
C GLU C 345 -9.21 34.24 37.17
N ALA C 346 -10.19 34.59 37.99
CA ALA C 346 -10.02 34.55 39.44
C ALA C 346 -9.59 33.16 39.95
N TYR C 347 -10.19 32.13 39.39
CA TYR C 347 -9.88 30.76 39.78
C TYR C 347 -8.47 30.40 39.38
N LEU C 348 -8.13 30.67 38.13
CA LEU C 348 -6.80 30.39 37.62
C LEU C 348 -5.74 31.05 38.49
N ARG C 349 -5.89 32.35 38.70
CA ARG C 349 -4.98 33.13 39.49
C ARG C 349 -4.78 32.53 40.87
N ARG C 350 -5.86 32.14 41.50
CA ARG C 350 -5.71 31.56 42.82
C ARG C 350 -5.00 30.22 42.75
N ALA C 351 -5.26 29.47 41.69
CA ALA C 351 -4.62 28.18 41.53
C ALA C 351 -3.13 28.39 41.32
N VAL C 352 -2.77 29.30 40.43
CA VAL C 352 -1.37 29.59 40.19
C VAL C 352 -0.66 30.07 41.46
N GLU C 353 -1.35 30.88 42.26
CA GLU C 353 -0.75 31.38 43.48
C GLU C 353 -0.38 30.25 44.44
N LEU C 354 -1.27 29.28 44.59
CA LEU C 354 -1.06 28.14 45.49
C LEU C 354 0.08 27.25 45.03
N MET C 355 0.25 27.18 43.72
CA MET C 355 1.30 26.37 43.13
C MET C 355 2.62 27.10 42.81
N ARG C 356 2.62 28.44 42.88
CA ARG C 356 3.82 29.20 42.56
C ARG C 356 5.13 28.59 42.98
N PRO C 357 5.27 28.20 44.24
CA PRO C 357 6.54 27.62 44.65
C PRO C 357 6.70 26.12 44.35
N ARG C 358 5.81 25.55 43.54
CA ARG C 358 5.92 24.13 43.28
C ARG C 358 6.15 23.68 41.85
N PHE C 359 6.56 24.61 40.99
CA PHE C 359 6.88 24.22 39.64
C PHE C 359 7.96 25.13 39.07
N ASP C 360 8.91 24.55 38.34
CA ASP C 360 10.00 25.29 37.74
C ASP C 360 9.80 25.56 36.26
N THR C 361 8.85 24.89 35.62
CA THR C 361 8.60 25.13 34.21
C THR C 361 7.09 25.32 34.05
N LEU C 362 6.67 26.11 33.07
CA LEU C 362 5.24 26.32 32.89
C LEU C 362 4.55 25.01 32.53
N LYS C 363 5.28 24.11 31.90
CA LYS C 363 4.71 22.82 31.51
C LYS C 363 4.41 21.96 32.75
N GLU C 364 5.10 22.20 33.86
CA GLU C 364 4.88 21.41 35.08
C GLU C 364 3.65 21.83 35.85
N PHE C 365 3.12 23.01 35.57
CA PHE C 365 1.93 23.41 36.31
C PHE C 365 0.73 22.47 35.99
N PRO C 366 0.38 22.26 34.71
CA PRO C 366 -0.75 21.37 34.37
C PRO C 366 -0.54 19.96 34.92
N GLU C 367 0.71 19.54 35.04
CA GLU C 367 1.05 18.21 35.54
C GLU C 367 0.82 18.02 37.04
N LYS C 368 1.39 18.91 37.85
CA LYS C 368 1.28 18.81 39.29
C LYS C 368 -0.03 19.32 39.87
N ALA C 369 -0.71 20.21 39.15
CA ALA C 369 -1.97 20.76 39.63
C ALA C 369 -3.14 20.31 38.77
N ARG C 370 -3.00 19.15 38.14
CA ARG C 370 -4.08 18.66 37.30
C ARG C 370 -5.41 18.52 38.03
N TYR C 371 -5.37 18.01 39.27
CA TYR C 371 -6.56 17.81 40.07
C TYR C 371 -7.38 19.05 40.36
N LEU C 372 -6.80 20.23 40.15
CA LEU C 372 -7.52 21.49 40.38
C LEU C 372 -8.34 21.96 39.19
N PHE C 373 -8.16 21.32 38.05
CA PHE C 373 -8.87 21.73 36.84
C PHE C 373 -9.76 20.64 36.25
N THR C 374 -9.50 19.39 36.60
CA THR C 374 -10.31 18.33 36.07
C THR C 374 -10.55 17.25 37.11
N GLU C 375 -11.56 16.42 36.85
CA GLU C 375 -11.91 15.32 37.73
C GLU C 375 -11.17 14.08 37.22
N ASP C 376 -10.50 14.24 36.09
CA ASP C 376 -9.72 13.17 35.49
C ASP C 376 -8.26 13.23 36.01
N TYR C 377 -8.05 12.94 37.29
CA TYR C 377 -6.70 12.98 37.83
C TYR C 377 -6.28 11.64 38.44
N PRO C 378 -4.99 11.32 38.34
CA PRO C 378 -4.52 10.05 38.89
C PRO C 378 -4.51 10.05 40.42
N VAL C 379 -4.57 8.86 40.99
CA VAL C 379 -4.51 8.71 42.44
C VAL C 379 -3.32 7.80 42.73
N SER C 380 -2.30 8.32 43.41
CA SER C 380 -1.11 7.53 43.72
C SER C 380 -1.45 6.38 44.69
N GLU C 381 -0.68 5.29 44.59
CA GLU C 381 -0.93 4.15 45.48
C GLU C 381 -0.78 4.61 46.93
N LYS C 382 0.20 5.48 47.15
CA LYS C 382 0.48 6.05 48.47
C LYS C 382 -0.70 6.89 48.98
N ALA C 383 -1.35 7.60 48.06
CA ALA C 383 -2.48 8.43 48.42
C ALA C 383 -3.70 7.56 48.74
N GLN C 384 -3.84 6.47 47.98
CA GLN C 384 -4.95 5.54 48.15
C GLN C 384 -4.84 4.82 49.50
N ARG C 385 -3.61 4.48 49.88
CA ARG C 385 -3.34 3.81 51.15
C ARG C 385 -3.71 4.72 52.32
N LYS C 386 -3.27 5.97 52.26
CA LYS C 386 -3.54 6.97 53.32
C LYS C 386 -5.04 7.27 53.37
N LEU C 387 -5.73 7.07 52.25
CA LEU C 387 -7.16 7.33 52.21
C LEU C 387 -7.93 6.23 52.96
N GLU C 388 -7.57 4.97 52.70
CA GLU C 388 -8.22 3.86 53.36
C GLU C 388 -7.96 3.82 54.86
N GLU C 389 -6.72 4.10 55.24
CA GLU C 389 -6.35 4.11 56.64
C GLU C 389 -7.16 5.14 57.44
N GLY C 390 -7.51 6.26 56.81
CA GLY C 390 -8.26 7.30 57.52
C GLY C 390 -9.72 7.40 57.18
N LEU C 391 -10.20 6.51 56.33
CA LEU C 391 -11.59 6.49 55.93
C LEU C 391 -12.56 6.65 57.11
N PRO C 392 -12.28 5.97 58.23
CA PRO C 392 -13.17 6.08 59.40
C PRO C 392 -13.37 7.50 59.94
N LEU C 393 -12.28 8.22 60.21
CA LEU C 393 -12.41 9.57 60.75
C LEU C 393 -12.89 10.60 59.74
N LEU C 394 -12.73 10.30 58.45
CA LEU C 394 -13.21 11.24 57.44
C LEU C 394 -14.74 11.13 57.43
N LYS C 395 -15.24 9.93 57.70
CA LYS C 395 -16.68 9.71 57.74
C LYS C 395 -17.28 10.48 58.91
N GLU C 396 -16.55 10.53 60.03
CA GLU C 396 -17.02 11.24 61.22
C GLU C 396 -16.90 12.74 61.08
N LEU C 397 -16.02 13.18 60.17
CA LEU C 397 -15.81 14.60 59.92
C LEU C 397 -16.78 15.13 58.87
N TYR C 398 -17.13 14.28 57.91
CA TYR C 398 -18.02 14.66 56.83
C TYR C 398 -19.23 15.47 57.27
N PRO C 399 -20.03 14.94 58.22
CA PRO C 399 -21.20 15.69 58.68
C PRO C 399 -20.84 17.08 59.26
N ARG C 400 -19.71 17.19 59.96
CA ARG C 400 -19.30 18.47 60.54
C ARG C 400 -19.06 19.44 59.40
N LEU C 401 -18.45 18.94 58.32
CA LEU C 401 -18.16 19.75 57.16
C LEU C 401 -19.42 20.21 56.44
N ARG C 402 -20.37 19.29 56.24
CA ARG C 402 -21.61 19.64 55.55
C ARG C 402 -22.39 20.67 56.36
N ALA C 403 -22.14 20.69 57.67
CA ALA C 403 -22.79 21.62 58.59
C ALA C 403 -22.17 23.00 58.53
N GLN C 404 -20.86 23.04 58.27
CA GLN C 404 -20.11 24.30 58.17
C GLN C 404 -20.72 25.29 57.17
N GLU C 405 -20.93 26.52 57.61
CA GLU C 405 -21.51 27.54 56.74
C GLU C 405 -20.44 28.48 56.14
N GLU C 406 -19.54 28.99 56.97
CA GLU C 406 -18.49 29.87 56.46
C GLU C 406 -17.33 29.04 55.94
N TRP C 407 -17.30 28.89 54.63
CA TRP C 407 -16.27 28.12 53.97
C TRP C 407 -15.01 28.95 53.71
N THR C 408 -14.31 29.30 54.79
CA THR C 408 -13.10 30.10 54.68
C THR C 408 -11.91 29.33 55.23
N GLU C 409 -10.73 29.61 54.70
CA GLU C 409 -9.52 28.93 55.14
C GLU C 409 -9.38 29.01 56.65
N ALA C 410 -9.64 30.18 57.22
CA ALA C 410 -9.53 30.36 58.66
C ALA C 410 -10.53 29.45 59.37
N ALA C 411 -11.80 29.55 58.99
CA ALA C 411 -12.87 28.74 59.58
C ALA C 411 -12.53 27.25 59.49
N LEU C 412 -12.32 26.75 58.28
CA LEU C 412 -12.00 25.35 58.09
C LEU C 412 -10.86 24.88 59.00
N GLU C 413 -9.80 25.66 59.12
CA GLU C 413 -8.67 25.24 59.97
C GLU C 413 -9.10 25.10 61.42
N ALA C 414 -9.84 26.08 61.94
CA ALA C 414 -10.29 26.02 63.32
C ALA C 414 -11.19 24.78 63.54
N LEU C 415 -11.97 24.45 62.51
CA LEU C 415 -12.87 23.30 62.52
C LEU C 415 -12.12 21.97 62.62
N LEU C 416 -11.15 21.76 61.72
CA LEU C 416 -10.36 20.52 61.69
C LEU C 416 -9.44 20.40 62.89
N ARG C 417 -8.89 21.52 63.34
CA ARG C 417 -8.00 21.53 64.50
C ARG C 417 -8.81 21.03 65.69
N GLY C 418 -10.04 21.54 65.78
CA GLY C 418 -10.91 21.14 66.87
C GLY C 418 -11.31 19.69 66.74
N PHE C 419 -11.56 19.26 65.52
CA PHE C 419 -11.96 17.87 65.29
C PHE C 419 -10.83 16.92 65.69
N ALA C 420 -9.59 17.28 65.40
CA ALA C 420 -8.46 16.43 65.75
C ALA C 420 -8.30 16.40 67.27
N ALA C 421 -8.54 17.54 67.91
CA ALA C 421 -8.42 17.65 69.36
C ALA C 421 -9.39 16.71 70.06
N GLU C 422 -10.68 16.91 69.79
CA GLU C 422 -11.72 16.09 70.40
C GLU C 422 -11.49 14.60 70.12
N LYS C 423 -11.00 14.28 68.92
CA LYS C 423 -10.72 12.89 68.55
C LYS C 423 -9.38 12.48 69.11
N GLY C 424 -8.73 13.40 69.82
CA GLY C 424 -7.41 13.12 70.38
C GLY C 424 -6.47 12.56 69.32
N VAL C 425 -6.11 13.39 68.33
CA VAL C 425 -5.23 12.97 67.25
C VAL C 425 -4.57 14.16 66.55
N LYS C 426 -3.36 13.95 66.02
CA LYS C 426 -2.63 15.01 65.33
C LYS C 426 -3.34 15.44 64.05
N LEU C 427 -3.37 16.75 63.80
CA LEU C 427 -4.02 17.29 62.61
C LEU C 427 -3.60 16.53 61.34
N GLY C 428 -2.33 16.15 61.30
CA GLY C 428 -1.84 15.43 60.15
C GLY C 428 -2.55 14.13 59.88
N GLN C 429 -2.99 13.47 60.94
CA GLN C 429 -3.67 12.20 60.79
C GLN C 429 -5.06 12.36 60.22
N VAL C 430 -5.53 13.59 60.07
CA VAL C 430 -6.84 13.81 59.50
C VAL C 430 -6.67 14.68 58.24
N ALA C 431 -5.61 15.47 58.22
CA ALA C 431 -5.31 16.33 57.09
C ALA C 431 -4.72 15.55 55.90
N GLN C 432 -3.91 14.55 56.19
CA GLN C 432 -3.29 13.79 55.13
C GLN C 432 -4.33 13.00 54.32
N PRO C 433 -5.19 12.19 54.97
CA PRO C 433 -6.18 11.44 54.18
C PRO C 433 -7.19 12.34 53.46
N LEU C 434 -7.47 13.52 54.01
CA LEU C 434 -8.41 14.43 53.35
C LEU C 434 -7.73 14.97 52.09
N ARG C 435 -6.42 15.21 52.17
CA ARG C 435 -5.69 15.69 51.01
C ARG C 435 -5.79 14.66 49.87
N ALA C 436 -5.59 13.38 50.19
CA ALA C 436 -5.69 12.35 49.16
C ALA C 436 -7.09 12.29 48.54
N ALA C 437 -8.12 12.50 49.35
CA ALA C 437 -9.50 12.47 48.87
C ALA C 437 -9.74 13.61 47.89
N LEU C 438 -9.19 14.78 48.21
CA LEU C 438 -9.36 15.95 47.37
C LEU C 438 -8.47 16.03 46.13
N THR C 439 -7.20 15.65 46.29
CA THR C 439 -6.18 15.75 45.25
C THR C 439 -5.69 14.48 44.58
N GLY C 440 -5.91 13.32 45.21
CA GLY C 440 -5.41 12.09 44.62
C GLY C 440 -3.90 12.08 44.74
N SER C 441 -3.38 12.94 45.61
CA SER C 441 -1.94 13.02 45.82
C SER C 441 -1.59 13.36 47.26
N LEU C 442 -0.32 13.19 47.61
CA LEU C 442 0.14 13.47 48.95
C LEU C 442 1.13 14.64 48.98
N GLU C 443 1.39 15.21 47.81
CA GLU C 443 2.31 16.35 47.66
C GLU C 443 1.55 17.51 47.00
N THR C 444 0.91 18.32 47.84
CA THR C 444 0.10 19.43 47.35
C THR C 444 0.32 20.67 48.21
N PRO C 445 -0.40 21.75 47.92
CA PRO C 445 -0.18 22.92 48.78
C PRO C 445 -1.04 22.72 50.04
N GLY C 446 -0.95 23.66 50.97
CA GLY C 446 -1.71 23.58 52.20
C GLY C 446 -3.16 23.15 52.06
N LEU C 447 -3.56 22.25 52.94
CA LEU C 447 -4.90 21.70 52.91
C LEU C 447 -6.04 22.73 52.99
N PHE C 448 -5.92 23.69 53.89
CA PHE C 448 -7.00 24.66 54.02
C PHE C 448 -7.23 25.51 52.79
N GLU C 449 -6.15 25.88 52.11
CA GLU C 449 -6.26 26.65 50.89
C GLU C 449 -6.80 25.77 49.75
N ILE C 450 -6.49 24.49 49.80
CA ILE C 450 -6.97 23.58 48.77
C ILE C 450 -8.44 23.30 48.99
N LEU C 451 -8.80 23.19 50.27
CA LEU C 451 -10.18 22.90 50.65
C LEU C 451 -11.08 24.06 50.30
N ALA C 452 -10.63 25.26 50.61
CA ALA C 452 -11.39 26.47 50.34
C ALA C 452 -11.56 26.67 48.84
N LEU C 453 -10.47 26.60 48.11
CA LEU C 453 -10.45 26.81 46.66
C LEU C 453 -11.70 26.41 45.88
N LEU C 454 -12.03 25.13 45.86
CA LEU C 454 -13.17 24.65 45.09
C LEU C 454 -14.55 25.17 45.53
N GLY C 455 -14.70 25.47 46.81
CA GLY C 455 -15.97 25.90 47.34
C GLY C 455 -16.57 24.71 48.05
N LYS C 456 -17.44 24.97 49.03
CA LYS C 456 -18.10 23.91 49.81
C LYS C 456 -18.69 22.75 48.99
N GLU C 457 -19.57 23.03 48.05
CA GLU C 457 -20.17 21.96 47.25
C GLU C 457 -19.18 21.08 46.49
N ARG C 458 -18.31 21.72 45.71
CA ARG C 458 -17.31 21.02 44.91
C ARG C 458 -16.40 20.17 45.80
N ALA C 459 -15.94 20.76 46.89
CA ALA C 459 -15.06 20.04 47.79
C ALA C 459 -15.74 18.81 48.39
N LEU C 460 -16.98 18.96 48.83
CA LEU C 460 -17.69 17.84 49.43
C LEU C 460 -18.13 16.81 48.41
N ARG C 461 -18.51 17.27 47.23
CA ARG C 461 -18.95 16.38 46.18
C ARG C 461 -17.83 15.39 45.83
N ARG C 462 -16.58 15.80 46.04
CA ARG C 462 -15.43 14.95 45.75
C ARG C 462 -15.09 14.08 46.95
N LEU C 463 -15.30 14.62 48.13
CA LEU C 463 -15.02 13.91 49.37
C LEU C 463 -15.98 12.73 49.49
N GLU C 464 -17.15 12.88 48.88
CA GLU C 464 -18.17 11.83 48.92
C GLU C 464 -17.80 10.62 48.06
N ARG C 465 -17.27 10.85 46.86
CA ARG C 465 -16.92 9.74 45.98
C ARG C 465 -15.81 8.93 46.64
N ALA C 466 -15.05 9.60 47.49
CA ALA C 466 -13.94 8.98 48.20
C ALA C 466 -14.46 8.07 49.31
N LEU C 467 -15.48 8.55 50.00
CA LEU C 467 -16.10 7.81 51.09
C LEU C 467 -17.03 6.75 50.53
N ALA C 468 -17.32 6.85 49.24
CA ALA C 468 -18.20 5.89 48.59
C ALA C 468 -17.40 4.63 48.21
N MET D 1 -3.18 -5.16 -29.19
CA MET D 1 -3.60 -5.68 -27.84
C MET D 1 -3.62 -7.22 -27.78
N VAL D 2 -4.78 -7.82 -27.51
CA VAL D 2 -4.87 -9.26 -27.44
C VAL D 2 -6.02 -9.84 -28.25
N VAL D 3 -5.68 -10.68 -29.22
CA VAL D 3 -6.69 -11.33 -30.04
C VAL D 3 -6.47 -12.85 -30.03
N THR D 4 -7.48 -13.58 -29.55
CA THR D 4 -7.48 -15.03 -29.45
C THR D 4 -8.58 -15.62 -30.34
N ARG D 5 -8.55 -16.92 -30.53
CA ARG D 5 -9.58 -17.56 -31.33
C ARG D 5 -9.75 -19.04 -31.04
N ILE D 6 -10.93 -19.54 -31.39
CA ILE D 6 -11.23 -20.94 -31.26
C ILE D 6 -11.57 -21.30 -32.70
N ALA D 7 -10.78 -22.16 -33.31
CA ALA D 7 -11.03 -22.51 -34.70
C ALA D 7 -11.48 -23.96 -34.89
N PRO D 8 -12.72 -24.31 -34.53
CA PRO D 8 -13.13 -25.71 -34.71
C PRO D 8 -13.36 -26.14 -36.15
N SER D 9 -13.44 -27.44 -36.33
CA SER D 9 -13.73 -28.04 -37.62
C SER D 9 -15.09 -28.72 -37.57
N PRO D 10 -15.99 -28.33 -38.46
CA PRO D 10 -17.33 -28.93 -38.49
C PRO D 10 -17.21 -30.39 -38.97
N THR D 11 -17.15 -31.35 -38.05
CA THR D 11 -17.04 -32.76 -38.45
C THR D 11 -17.89 -33.69 -37.60
N GLY D 12 -18.67 -33.11 -36.69
CA GLY D 12 -19.49 -33.95 -35.84
C GLY D 12 -20.16 -33.19 -34.71
N ASP D 13 -20.42 -33.87 -33.59
CA ASP D 13 -21.06 -33.23 -32.43
C ASP D 13 -20.10 -32.22 -31.80
N PRO D 14 -20.64 -31.15 -31.20
CA PRO D 14 -19.73 -30.18 -30.59
C PRO D 14 -18.96 -30.90 -29.49
N HIS D 15 -17.65 -30.95 -29.65
CA HIS D 15 -16.76 -31.66 -28.74
C HIS D 15 -16.41 -30.92 -27.45
N VAL D 16 -16.32 -31.69 -26.37
CA VAL D 16 -16.01 -31.14 -25.07
C VAL D 16 -14.63 -30.48 -25.06
N GLY D 17 -13.75 -30.96 -25.92
CA GLY D 17 -12.42 -30.37 -26.02
C GLY D 17 -12.53 -28.95 -26.54
N THR D 18 -13.40 -28.74 -27.54
CA THR D 18 -13.59 -27.41 -28.09
C THR D 18 -14.05 -26.49 -26.97
N ALA D 19 -15.07 -26.90 -26.23
CA ALA D 19 -15.55 -26.09 -25.14
C ALA D 19 -14.40 -25.75 -24.18
N TYR D 20 -13.56 -26.74 -23.92
CA TYR D 20 -12.43 -26.60 -22.99
C TYR D 20 -11.43 -25.52 -23.46
N ILE D 21 -11.00 -25.60 -24.73
CA ILE D 21 -10.05 -24.62 -25.25
C ILE D 21 -10.72 -23.24 -25.37
N ALA D 22 -11.98 -23.22 -25.82
CA ALA D 22 -12.74 -21.98 -25.97
C ALA D 22 -12.75 -21.20 -24.65
N LEU D 23 -12.84 -21.95 -23.57
CA LEU D 23 -12.85 -21.39 -22.23
C LEU D 23 -11.60 -20.55 -21.94
N PHE D 24 -10.43 -21.12 -22.17
CA PHE D 24 -9.21 -20.35 -21.88
C PHE D 24 -8.98 -19.21 -22.86
N ASN D 25 -9.35 -19.40 -24.11
CA ASN D 25 -9.19 -18.31 -25.08
C ASN D 25 -10.07 -17.13 -24.66
N TYR D 26 -11.30 -17.46 -24.24
CA TYR D 26 -12.25 -16.46 -23.79
C TYR D 26 -11.74 -15.74 -22.54
N ALA D 27 -11.26 -16.49 -21.54
CA ALA D 27 -10.76 -15.87 -20.32
C ALA D 27 -9.58 -14.97 -20.63
N TRP D 28 -8.61 -15.50 -21.38
CA TRP D 28 -7.43 -14.71 -21.71
C TRP D 28 -7.77 -13.42 -22.48
N ALA D 29 -8.72 -13.45 -23.41
CA ALA D 29 -9.09 -12.23 -24.13
C ALA D 29 -9.68 -11.19 -23.17
N ARG D 30 -10.75 -11.58 -22.49
CA ARG D 30 -11.43 -10.71 -21.55
C ARG D 30 -10.53 -10.15 -20.44
N ARG D 31 -9.66 -10.97 -19.87
CA ARG D 31 -8.76 -10.53 -18.82
C ARG D 31 -7.82 -9.42 -19.32
N ASN D 32 -7.65 -9.33 -20.64
CA ASN D 32 -6.78 -8.31 -21.23
C ASN D 32 -7.55 -7.34 -22.11
N GLY D 33 -8.87 -7.28 -21.92
CA GLY D 33 -9.70 -6.40 -22.71
C GLY D 33 -9.43 -6.57 -24.17
N GLY D 34 -9.17 -7.81 -24.58
CA GLY D 34 -8.89 -8.08 -25.97
C GLY D 34 -10.11 -8.60 -26.71
N ARG D 35 -9.86 -9.25 -27.84
CA ARG D 35 -10.96 -9.79 -28.64
C ARG D 35 -10.92 -11.30 -28.75
N PHE D 36 -12.09 -11.93 -28.67
CA PHE D 36 -12.21 -13.39 -28.79
C PHE D 36 -13.00 -13.68 -30.06
N ILE D 37 -12.32 -14.30 -31.03
CA ILE D 37 -12.83 -14.64 -32.35
C ILE D 37 -13.16 -16.12 -32.52
N VAL D 38 -14.11 -16.42 -33.42
CA VAL D 38 -14.48 -17.79 -33.76
C VAL D 38 -14.26 -17.94 -35.27
N ARG D 39 -13.41 -18.90 -35.64
CA ARG D 39 -13.13 -19.19 -37.06
C ARG D 39 -13.55 -20.64 -37.30
N ILE D 40 -14.31 -20.88 -38.37
CA ILE D 40 -14.76 -22.23 -38.69
C ILE D 40 -13.82 -22.82 -39.71
N GLU D 41 -13.08 -23.86 -39.31
CA GLU D 41 -12.11 -24.47 -40.20
C GLU D 41 -12.66 -25.68 -40.99
N ASP D 42 -13.42 -25.37 -42.04
CA ASP D 42 -14.06 -26.34 -42.92
C ASP D 42 -13.37 -26.48 -44.27
N THR D 43 -12.05 -26.71 -44.24
CA THR D 43 -11.25 -26.84 -45.46
C THR D 43 -11.19 -28.26 -46.03
N ASP D 44 -11.58 -29.26 -45.26
CA ASP D 44 -11.51 -30.63 -45.74
C ASP D 44 -12.89 -31.10 -46.21
N ARG D 45 -13.15 -30.88 -47.49
CA ARG D 45 -14.43 -31.23 -48.08
C ARG D 45 -14.94 -32.61 -47.75
N ALA D 46 -14.05 -33.59 -47.76
CA ALA D 46 -14.43 -34.98 -47.49
C ALA D 46 -15.09 -35.21 -46.12
N ARG D 47 -14.48 -34.69 -45.06
CA ARG D 47 -15.02 -34.86 -43.71
C ARG D 47 -15.98 -33.78 -43.28
N TYR D 48 -16.27 -32.85 -44.18
CA TYR D 48 -17.20 -31.75 -43.89
C TYR D 48 -18.60 -32.18 -43.50
N VAL D 49 -19.04 -31.80 -42.30
CA VAL D 49 -20.38 -32.14 -41.83
C VAL D 49 -21.19 -30.83 -41.74
N PRO D 50 -21.99 -30.51 -42.79
CA PRO D 50 -22.79 -29.28 -42.77
C PRO D 50 -23.72 -29.18 -41.57
N GLY D 51 -23.72 -28.03 -40.91
CA GLY D 51 -24.58 -27.88 -39.74
C GLY D 51 -23.83 -28.14 -38.44
N ALA D 52 -22.61 -28.62 -38.55
CA ALA D 52 -21.81 -28.88 -37.36
C ALA D 52 -21.49 -27.50 -36.82
N GLU D 53 -21.42 -26.53 -37.73
CA GLU D 53 -21.13 -25.16 -37.35
C GLU D 53 -22.18 -24.58 -36.38
N GLU D 54 -23.45 -24.66 -36.73
CA GLU D 54 -24.50 -24.14 -35.86
C GLU D 54 -24.49 -24.85 -34.49
N ARG D 55 -24.28 -26.15 -34.50
CA ARG D 55 -24.26 -26.92 -33.27
C ARG D 55 -23.14 -26.50 -32.30
N ILE D 56 -21.96 -26.23 -32.83
CA ILE D 56 -20.85 -25.84 -31.99
C ILE D 56 -21.03 -24.39 -31.47
N LEU D 57 -21.57 -23.51 -32.31
CA LEU D 57 -21.82 -22.12 -31.89
C LEU D 57 -22.85 -22.07 -30.77
N ALA D 58 -23.89 -22.89 -30.94
CA ALA D 58 -24.97 -22.99 -29.96
C ALA D 58 -24.41 -23.56 -28.64
N ALA D 59 -23.49 -24.52 -28.75
CA ALA D 59 -22.90 -25.13 -27.56
C ALA D 59 -22.11 -24.10 -26.77
N LEU D 60 -21.28 -23.30 -27.44
CA LEU D 60 -20.51 -22.29 -26.72
C LEU D 60 -21.40 -21.25 -26.03
N LYS D 61 -22.45 -20.78 -26.69
CA LYS D 61 -23.30 -19.84 -26.02
C LYS D 61 -24.01 -20.51 -24.83
N TRP D 62 -24.36 -21.79 -25.00
CA TRP D 62 -25.02 -22.53 -23.94
C TRP D 62 -24.15 -22.60 -22.68
N LEU D 63 -22.83 -22.69 -22.85
CA LEU D 63 -21.92 -22.79 -21.70
C LEU D 63 -21.68 -21.44 -21.07
N GLY D 64 -22.21 -20.40 -21.70
CA GLY D 64 -22.05 -19.06 -21.18
C GLY D 64 -20.97 -18.24 -21.85
N LEU D 65 -20.38 -18.75 -22.92
CA LEU D 65 -19.32 -17.96 -23.55
C LEU D 65 -19.91 -16.99 -24.56
N SER D 66 -19.09 -16.02 -24.97
CA SER D 66 -19.49 -15.02 -25.94
C SER D 66 -18.27 -14.82 -26.80
N TYR D 67 -18.45 -14.52 -28.07
CA TYR D 67 -17.30 -14.25 -28.91
C TYR D 67 -17.49 -12.86 -29.49
N ASP D 68 -16.41 -12.25 -29.93
CA ASP D 68 -16.56 -10.91 -30.44
C ASP D 68 -16.66 -10.83 -31.96
N GLU D 69 -16.15 -11.84 -32.64
CA GLU D 69 -16.20 -11.90 -34.09
C GLU D 69 -16.47 -13.33 -34.43
N GLY D 70 -17.15 -13.58 -35.53
CA GLY D 70 -17.46 -14.95 -35.88
C GLY D 70 -18.37 -14.99 -37.09
N PRO D 71 -18.74 -16.19 -37.54
CA PRO D 71 -19.61 -16.44 -38.70
C PRO D 71 -20.99 -15.82 -38.62
N ASP D 72 -21.61 -15.93 -37.46
CA ASP D 72 -22.95 -15.39 -37.29
C ASP D 72 -23.05 -13.95 -36.75
N VAL D 73 -21.99 -13.46 -36.12
CA VAL D 73 -22.04 -12.11 -35.58
C VAL D 73 -21.25 -11.15 -36.47
N GLY D 74 -20.69 -11.67 -37.55
CA GLY D 74 -19.90 -10.86 -38.46
C GLY D 74 -18.63 -10.30 -37.80
N GLY D 75 -17.90 -9.48 -38.53
CA GLY D 75 -16.69 -8.89 -37.99
C GLY D 75 -15.86 -8.18 -39.04
N PRO D 76 -14.87 -7.43 -38.61
CA PRO D 76 -13.98 -6.69 -39.50
C PRO D 76 -13.10 -7.52 -40.44
N HIS D 77 -12.75 -8.74 -40.02
CA HIS D 77 -11.84 -9.54 -40.84
C HIS D 77 -12.37 -10.85 -41.38
N GLY D 78 -13.64 -10.88 -41.75
CA GLY D 78 -14.23 -12.09 -42.31
C GLY D 78 -13.88 -12.29 -43.77
N PRO D 79 -14.44 -13.32 -44.45
CA PRO D 79 -15.37 -14.29 -43.88
C PRO D 79 -14.70 -14.98 -42.68
N TYR D 80 -15.50 -15.67 -41.88
CA TYR D 80 -14.98 -16.39 -40.73
C TYR D 80 -15.09 -17.89 -40.94
N ARG D 81 -15.18 -18.29 -42.21
CA ARG D 81 -15.28 -19.69 -42.62
C ARG D 81 -14.16 -19.90 -43.64
N GLN D 82 -13.21 -20.77 -43.33
CA GLN D 82 -12.11 -20.98 -44.26
C GLN D 82 -12.59 -21.38 -45.67
N SER D 83 -13.77 -21.97 -45.77
CA SER D 83 -14.27 -22.38 -47.07
C SER D 83 -14.70 -21.17 -47.91
N GLU D 84 -15.00 -20.05 -47.24
CA GLU D 84 -15.41 -18.85 -47.97
C GLU D 84 -14.19 -18.03 -48.42
N ARG D 85 -12.98 -18.49 -48.11
CA ARG D 85 -11.80 -17.74 -48.51
C ARG D 85 -10.71 -18.50 -49.27
N LEU D 86 -11.14 -19.54 -49.99
CA LEU D 86 -10.22 -20.34 -50.78
C LEU D 86 -9.26 -19.54 -51.63
N PRO D 87 -9.78 -18.62 -52.46
CA PRO D 87 -8.94 -17.80 -53.33
C PRO D 87 -7.81 -17.15 -52.56
N LEU D 88 -8.14 -16.68 -51.37
CA LEU D 88 -7.15 -16.03 -50.53
C LEU D 88 -5.91 -16.93 -50.36
N TYR D 89 -6.14 -18.19 -50.04
CA TYR D 89 -5.06 -19.14 -49.81
C TYR D 89 -4.22 -19.38 -51.07
N GLN D 90 -4.87 -19.48 -52.23
CA GLN D 90 -4.14 -19.69 -53.49
C GLN D 90 -3.15 -18.56 -53.69
N LYS D 91 -3.62 -17.33 -53.50
CA LYS D 91 -2.80 -16.14 -53.61
C LYS D 91 -1.54 -16.23 -52.71
N TYR D 92 -1.71 -16.65 -51.46
CA TYR D 92 -0.55 -16.75 -50.57
C TYR D 92 0.33 -17.97 -50.87
N ALA D 93 -0.26 -19.04 -51.39
CA ALA D 93 0.51 -20.23 -51.72
C ALA D 93 1.49 -19.82 -52.82
N GLU D 94 0.94 -19.21 -53.87
CA GLU D 94 1.72 -18.72 -55.03
C GLU D 94 2.79 -17.74 -54.58
N GLU D 95 2.46 -16.96 -53.56
CA GLU D 95 3.37 -15.98 -53.00
C GLU D 95 4.64 -16.71 -52.52
N LEU D 96 4.45 -17.81 -51.80
CA LEU D 96 5.57 -18.59 -51.29
C LEU D 96 6.45 -19.12 -52.41
N LEU D 97 5.80 -19.64 -53.46
CA LEU D 97 6.49 -20.18 -54.62
C LEU D 97 7.48 -19.14 -55.14
N LYS D 98 6.99 -17.92 -55.34
CA LYS D 98 7.84 -16.84 -55.81
C LYS D 98 9.01 -16.62 -54.87
N ARG D 99 8.73 -16.48 -53.58
CA ARG D 99 9.81 -16.26 -52.61
C ARG D 99 10.65 -17.52 -52.45
N GLY D 100 10.38 -18.52 -53.27
CA GLY D 100 11.13 -19.77 -53.21
C GLY D 100 11.01 -20.57 -51.91
N TRP D 101 9.96 -20.31 -51.13
CA TRP D 101 9.75 -21.04 -49.89
C TRP D 101 8.84 -22.24 -50.06
N ALA D 102 8.43 -22.51 -51.29
CA ALA D 102 7.57 -23.64 -51.58
C ALA D 102 7.89 -24.10 -53.00
N TYR D 103 7.44 -25.30 -53.37
CA TYR D 103 7.67 -25.80 -54.71
C TYR D 103 6.49 -26.60 -55.15
N ARG D 104 6.36 -26.80 -56.45
CA ARG D 104 5.23 -27.57 -56.96
C ARG D 104 5.69 -29.02 -57.16
N ALA D 105 4.91 -29.96 -56.65
CA ALA D 105 5.22 -31.38 -56.78
C ALA D 105 4.10 -31.97 -57.61
N PHE D 106 4.44 -32.68 -58.68
CA PHE D 106 3.44 -33.26 -59.56
C PHE D 106 3.13 -34.74 -59.35
N GLU D 107 3.81 -35.38 -58.41
CA GLU D 107 3.60 -36.79 -58.12
C GLU D 107 2.13 -37.11 -57.92
N THR D 108 1.72 -38.28 -58.36
CA THR D 108 0.34 -38.70 -58.18
C THR D 108 0.20 -39.38 -56.83
N PRO D 109 -1.04 -39.56 -56.38
CA PRO D 109 -1.28 -40.22 -55.09
C PRO D 109 -0.55 -41.55 -55.02
N GLU D 110 -0.62 -42.30 -56.12
CA GLU D 110 0.02 -43.61 -56.21
C GLU D 110 1.54 -43.53 -56.08
N GLU D 111 2.13 -42.61 -56.85
CA GLU D 111 3.58 -42.44 -56.81
C GLU D 111 4.03 -42.11 -55.41
N LEU D 112 3.26 -41.24 -54.75
CA LEU D 112 3.59 -40.84 -53.39
C LEU D 112 3.51 -41.99 -52.42
N GLU D 113 2.57 -42.89 -52.64
CA GLU D 113 2.43 -44.03 -51.75
C GLU D 113 3.65 -44.93 -51.93
N GLN D 114 4.17 -44.95 -53.16
CA GLN D 114 5.32 -45.76 -53.50
C GLN D 114 6.54 -45.23 -52.79
N ILE D 115 6.83 -43.94 -52.96
CA ILE D 115 8.01 -43.39 -52.32
C ILE D 115 7.90 -43.45 -50.80
N ARG D 116 6.68 -43.48 -50.29
CA ARG D 116 6.48 -43.58 -48.85
C ARG D 116 6.90 -44.99 -48.43
N LYS D 117 6.63 -45.96 -49.30
CA LYS D 117 6.97 -47.36 -49.06
C LYS D 117 8.49 -47.59 -49.07
N GLU D 118 9.17 -46.91 -50.00
CA GLU D 118 10.62 -47.03 -50.17
C GLU D 118 11.42 -46.20 -49.16
N LYS D 119 11.24 -44.89 -49.22
CA LYS D 119 11.94 -43.96 -48.34
C LYS D 119 11.17 -43.55 -47.09
N GLY D 120 9.88 -43.87 -47.05
CA GLY D 120 9.07 -43.51 -45.90
C GLY D 120 8.86 -42.01 -45.83
N GLY D 121 7.77 -41.54 -46.44
CA GLY D 121 7.49 -40.12 -46.46
C GLY D 121 8.15 -39.51 -47.68
N TYR D 122 7.58 -38.43 -48.21
CA TYR D 122 8.13 -37.77 -49.39
C TYR D 122 9.59 -37.41 -49.21
N ASP D 123 10.35 -37.51 -50.30
CA ASP D 123 11.79 -37.22 -50.31
C ASP D 123 12.13 -35.86 -50.90
N GLY D 124 11.11 -35.06 -51.23
CA GLY D 124 11.35 -33.75 -51.79
C GLY D 124 11.98 -33.75 -53.17
N ARG D 125 11.70 -34.80 -53.94
CA ARG D 125 12.27 -34.90 -55.27
C ARG D 125 11.84 -33.78 -56.21
N ALA D 126 10.60 -33.29 -56.07
CA ALA D 126 10.13 -32.23 -56.94
C ALA D 126 10.98 -30.97 -56.79
N ARG D 127 11.85 -30.93 -55.79
CA ARG D 127 12.70 -29.76 -55.58
C ARG D 127 13.70 -29.62 -56.74
N ASN D 128 13.99 -30.74 -57.38
CA ASN D 128 14.94 -30.78 -58.48
C ASN D 128 14.32 -30.40 -59.83
N ILE D 129 13.09 -29.89 -59.80
CA ILE D 129 12.41 -29.49 -61.02
C ILE D 129 12.66 -28.00 -61.25
N PRO D 130 13.28 -27.66 -62.41
CA PRO D 130 13.57 -26.26 -62.73
C PRO D 130 12.32 -25.41 -62.53
N PRO D 131 12.43 -24.35 -61.73
CA PRO D 131 11.31 -23.45 -61.45
C PRO D 131 10.53 -23.05 -62.70
N GLU D 132 11.22 -22.88 -63.82
CA GLU D 132 10.56 -22.51 -65.06
C GLU D 132 9.73 -23.64 -65.66
N GLU D 133 10.26 -24.86 -65.61
CA GLU D 133 9.54 -26.01 -66.13
C GLU D 133 8.35 -26.29 -65.21
N ALA D 134 8.50 -25.98 -63.93
CA ALA D 134 7.44 -26.18 -62.96
C ALA D 134 6.26 -25.30 -63.36
N GLU D 135 6.53 -24.00 -63.47
CA GLU D 135 5.52 -23.03 -63.85
C GLU D 135 4.88 -23.39 -65.19
N GLU D 136 5.73 -23.75 -66.15
CA GLU D 136 5.27 -24.15 -67.47
C GLU D 136 4.28 -25.29 -67.37
N ARG D 137 4.67 -26.34 -66.65
CA ARG D 137 3.84 -27.51 -66.46
C ARG D 137 2.54 -27.19 -65.73
N ALA D 138 2.54 -26.07 -65.00
CA ALA D 138 1.37 -25.63 -64.26
C ALA D 138 0.38 -24.95 -65.19
N ARG D 139 0.89 -24.09 -66.06
CA ARG D 139 0.07 -23.37 -67.01
C ARG D 139 -0.65 -24.34 -67.95
N ARG D 140 -0.08 -25.54 -68.11
CA ARG D 140 -0.69 -26.56 -68.97
C ARG D 140 -1.82 -27.31 -68.25
N GLY D 141 -2.14 -26.86 -67.04
CA GLY D 141 -3.21 -27.47 -66.26
C GLY D 141 -2.85 -28.80 -65.64
N GLU D 142 -1.56 -29.14 -65.69
CA GLU D 142 -1.12 -30.40 -65.11
C GLU D 142 -1.35 -30.37 -63.61
N PRO D 143 -2.07 -31.36 -63.09
CA PRO D 143 -2.38 -31.46 -61.65
C PRO D 143 -1.12 -31.49 -60.78
N HIS D 144 -1.15 -30.76 -59.66
CA HIS D 144 0.00 -30.73 -58.77
C HIS D 144 -0.36 -30.14 -57.41
N VAL D 145 0.59 -30.15 -56.48
CA VAL D 145 0.34 -29.56 -55.16
C VAL D 145 1.52 -28.69 -54.88
N ILE D 146 1.38 -27.77 -53.93
CA ILE D 146 2.47 -26.89 -53.55
C ILE D 146 2.95 -27.33 -52.19
N ARG D 147 4.25 -27.56 -52.05
CA ARG D 147 4.79 -28.03 -50.79
C ARG D 147 5.67 -26.99 -50.11
N LEU D 148 5.82 -27.13 -48.80
CA LEU D 148 6.64 -26.18 -48.05
C LEU D 148 8.02 -26.63 -48.35
N LYS D 149 8.89 -25.67 -48.67
CA LYS D 149 10.27 -26.00 -48.97
C LYS D 149 11.06 -25.77 -47.70
N VAL D 150 11.13 -26.78 -46.86
CA VAL D 150 11.84 -26.69 -45.59
C VAL D 150 13.35 -26.53 -45.74
N PRO D 151 13.94 -25.47 -45.16
CA PRO D 151 15.39 -25.20 -45.22
C PRO D 151 16.18 -26.37 -44.65
N ARG D 152 16.72 -27.22 -45.51
CA ARG D 152 17.52 -28.35 -45.05
C ARG D 152 18.99 -28.15 -45.43
N PRO D 153 19.92 -28.35 -44.46
CA PRO D 153 19.74 -28.75 -43.06
C PRO D 153 19.37 -27.53 -42.24
N GLY D 154 19.05 -27.75 -40.97
CA GLY D 154 18.70 -26.64 -40.12
C GLY D 154 17.88 -27.00 -38.91
N THR D 155 17.69 -26.02 -38.03
CA THR D 155 16.87 -26.22 -36.84
C THR D 155 15.86 -25.08 -36.73
N THR D 156 14.73 -25.38 -36.12
CA THR D 156 13.68 -24.39 -35.96
C THR D 156 13.26 -24.30 -34.50
N GLU D 157 13.21 -23.09 -33.97
CA GLU D 157 12.83 -22.92 -32.57
C GLU D 157 11.39 -22.51 -32.42
N VAL D 158 10.70 -23.18 -31.51
CA VAL D 158 9.33 -22.82 -31.25
C VAL D 158 9.30 -22.41 -29.79
N LYS D 159 8.62 -21.31 -29.48
CA LYS D 159 8.57 -20.88 -28.10
C LYS D 159 7.18 -21.05 -27.53
N ASP D 160 7.05 -21.98 -26.60
CA ASP D 160 5.76 -22.16 -26.00
C ASP D 160 5.76 -21.37 -24.69
N GLU D 161 4.76 -20.52 -24.51
CA GLU D 161 4.68 -19.72 -23.31
C GLU D 161 4.58 -20.52 -22.02
N LEU D 162 4.21 -21.81 -22.13
CA LEU D 162 4.05 -22.66 -20.96
C LEU D 162 5.14 -23.67 -20.73
N ARG D 163 5.96 -23.92 -21.75
CA ARG D 163 7.01 -24.91 -21.61
C ARG D 163 8.39 -24.34 -21.82
N GLY D 164 8.49 -23.25 -22.57
CA GLY D 164 9.80 -22.68 -22.84
C GLY D 164 10.20 -23.08 -24.24
N VAL D 165 11.31 -22.53 -24.73
CA VAL D 165 11.77 -22.85 -26.08
C VAL D 165 11.93 -24.34 -26.33
N VAL D 166 11.52 -24.77 -27.51
CA VAL D 166 11.55 -26.17 -27.92
C VAL D 166 12.23 -26.30 -29.27
N VAL D 167 13.52 -26.59 -29.28
CA VAL D 167 14.25 -26.72 -30.54
C VAL D 167 13.85 -27.98 -31.33
N TYR D 168 13.68 -27.81 -32.64
CA TYR D 168 13.31 -28.90 -33.53
C TYR D 168 14.35 -29.02 -34.63
N ASP D 169 14.65 -30.25 -35.04
CA ASP D 169 15.60 -30.46 -36.11
C ASP D 169 14.78 -30.46 -37.40
N ASN D 170 15.20 -29.68 -38.39
CA ASN D 170 14.47 -29.61 -39.66
C ASN D 170 14.28 -30.95 -40.36
N GLN D 171 15.00 -31.96 -39.87
CA GLN D 171 14.90 -33.30 -40.41
C GLN D 171 13.58 -33.93 -39.98
N GLU D 172 13.05 -33.45 -38.86
CA GLU D 172 11.79 -33.97 -38.36
C GLU D 172 10.63 -33.17 -38.92
N ILE D 173 10.93 -32.13 -39.71
CA ILE D 173 9.89 -31.31 -40.30
C ILE D 173 9.73 -31.67 -41.77
N PRO D 174 8.59 -32.25 -42.12
CA PRO D 174 8.40 -32.62 -43.53
C PRO D 174 8.04 -31.44 -44.41
N ASP D 175 8.23 -31.60 -45.71
CA ASP D 175 7.90 -30.55 -46.66
C ASP D 175 6.41 -30.71 -46.83
N VAL D 176 5.66 -30.29 -45.81
CA VAL D 176 4.21 -30.43 -45.81
C VAL D 176 3.48 -29.74 -46.95
N VAL D 177 2.47 -30.46 -47.45
CA VAL D 177 1.64 -29.95 -48.51
C VAL D 177 0.93 -28.72 -47.97
N LEU D 178 1.03 -27.62 -48.70
CA LEU D 178 0.35 -26.41 -48.28
C LEU D 178 -0.98 -26.28 -49.05
N LEU D 179 -0.92 -26.48 -50.36
CA LEU D 179 -2.11 -26.39 -51.20
C LEU D 179 -2.31 -27.71 -51.95
N LYS D 180 -3.45 -28.35 -51.74
CA LYS D 180 -3.75 -29.63 -52.38
C LYS D 180 -4.08 -29.45 -53.86
N SER D 181 -3.99 -30.52 -54.63
CA SER D 181 -4.25 -30.42 -56.05
C SER D 181 -5.69 -30.03 -56.41
N ASP D 182 -6.63 -30.11 -55.49
CA ASP D 182 -7.98 -29.70 -55.83
C ASP D 182 -8.17 -28.21 -55.61
N GLY D 183 -7.05 -27.51 -55.34
CA GLY D 183 -7.12 -26.08 -55.10
C GLY D 183 -7.38 -25.70 -53.66
N TYR D 184 -7.69 -26.69 -52.82
CA TYR D 184 -7.93 -26.47 -51.41
C TYR D 184 -6.65 -26.51 -50.61
N PRO D 185 -6.57 -25.70 -49.56
CA PRO D 185 -5.38 -25.66 -48.70
C PRO D 185 -5.44 -26.71 -47.60
N THR D 186 -4.33 -26.81 -46.88
CA THR D 186 -4.25 -27.73 -45.78
C THR D 186 -4.32 -26.87 -44.53
N TYR D 187 -4.60 -27.52 -43.42
CA TYR D 187 -4.68 -26.85 -42.14
C TYR D 187 -3.49 -25.92 -41.93
N HIS D 188 -2.31 -26.37 -42.29
CA HIS D 188 -1.10 -25.57 -42.05
C HIS D 188 -1.08 -24.21 -42.70
N LEU D 189 -1.38 -24.18 -43.98
CA LEU D 189 -1.37 -22.95 -44.72
C LEU D 189 -2.49 -22.02 -44.26
N ALA D 190 -3.71 -22.56 -44.15
CA ALA D 190 -4.86 -21.75 -43.75
C ALA D 190 -4.76 -21.14 -42.36
N ASN D 191 -4.27 -21.92 -41.41
CA ASN D 191 -4.09 -21.49 -40.02
C ASN D 191 -3.22 -20.25 -39.90
N VAL D 192 -2.07 -20.26 -40.54
CA VAL D 192 -1.16 -19.12 -40.49
C VAL D 192 -1.69 -17.91 -41.27
N VAL D 193 -2.28 -18.14 -42.43
CA VAL D 193 -2.79 -17.04 -43.22
C VAL D 193 -3.91 -16.34 -42.46
N ASP D 194 -4.89 -17.11 -41.98
CA ASP D 194 -6.00 -16.53 -41.21
C ASP D 194 -5.58 -15.97 -39.85
N ASP D 195 -4.68 -16.64 -39.14
CA ASP D 195 -4.28 -16.11 -37.86
C ASP D 195 -3.67 -14.72 -38.00
N HIS D 196 -2.88 -14.54 -39.06
CA HIS D 196 -2.24 -13.27 -39.31
C HIS D 196 -3.25 -12.22 -39.80
N LEU D 197 -4.02 -12.56 -40.83
CA LEU D 197 -5.01 -11.65 -41.38
C LEU D 197 -6.11 -11.19 -40.40
N MET D 198 -6.38 -11.99 -39.35
CA MET D 198 -7.37 -11.65 -38.34
C MET D 198 -6.71 -11.04 -37.12
N GLY D 199 -5.41 -10.81 -37.24
CA GLY D 199 -4.67 -10.19 -36.14
C GLY D 199 -4.54 -11.01 -34.87
N VAL D 200 -4.50 -12.33 -35.01
CA VAL D 200 -4.37 -13.19 -33.85
C VAL D 200 -2.99 -12.98 -33.18
N THR D 201 -2.97 -12.67 -31.89
CA THR D 201 -1.71 -12.44 -31.19
C THR D 201 -1.43 -13.57 -30.21
N ASP D 202 -2.47 -14.24 -29.72
CA ASP D 202 -2.29 -15.34 -28.75
C ASP D 202 -3.01 -16.62 -29.16
N VAL D 203 -2.22 -17.60 -29.63
CA VAL D 203 -2.76 -18.89 -30.05
C VAL D 203 -2.81 -19.88 -28.90
N ILE D 204 -4.01 -20.22 -28.45
CA ILE D 204 -4.18 -21.17 -27.35
C ILE D 204 -4.89 -22.38 -27.93
N ARG D 205 -4.22 -23.53 -27.90
CA ARG D 205 -4.81 -24.72 -28.47
C ARG D 205 -4.25 -25.95 -27.73
N ALA D 206 -4.85 -27.11 -27.94
CA ALA D 206 -4.37 -28.31 -27.29
C ALA D 206 -2.96 -28.74 -27.70
N GLU D 207 -2.27 -29.33 -26.73
CA GLU D 207 -0.90 -29.84 -26.85
C GLU D 207 -0.69 -30.71 -28.08
N GLU D 208 -1.77 -31.20 -28.67
CA GLU D 208 -1.64 -32.06 -29.83
C GLU D 208 -1.03 -31.32 -31.01
N TRP D 209 -0.99 -30.00 -30.92
CA TRP D 209 -0.48 -29.21 -32.02
C TRP D 209 0.98 -28.77 -31.92
N LEU D 210 1.57 -28.95 -30.73
CA LEU D 210 2.94 -28.55 -30.51
C LEU D 210 3.89 -28.98 -31.62
N VAL D 211 3.90 -30.26 -32.02
CA VAL D 211 4.83 -30.68 -33.07
C VAL D 211 4.49 -30.17 -34.43
N SER D 212 3.44 -29.37 -34.56
CA SER D 212 3.12 -28.82 -35.88
C SER D 212 3.50 -27.37 -35.88
N THR D 213 3.59 -26.80 -34.68
CA THR D 213 3.96 -25.41 -34.56
C THR D 213 5.23 -25.05 -35.36
N PRO D 214 6.28 -25.91 -35.34
CA PRO D 214 7.53 -25.66 -36.07
C PRO D 214 7.24 -25.30 -37.52
N ILE D 215 6.28 -26.01 -38.10
CA ILE D 215 5.87 -25.76 -39.49
C ILE D 215 5.28 -24.36 -39.60
N HIS D 216 4.52 -23.98 -38.58
CA HIS D 216 3.91 -22.66 -38.57
C HIS D 216 4.93 -21.54 -38.35
N VAL D 217 5.92 -21.80 -37.51
CA VAL D 217 6.94 -20.81 -37.26
C VAL D 217 7.63 -20.54 -38.60
N LEU D 218 7.87 -21.62 -39.35
CA LEU D 218 8.51 -21.51 -40.64
C LEU D 218 7.66 -20.71 -41.63
N LEU D 219 6.37 -21.00 -41.71
CA LEU D 219 5.52 -20.24 -42.62
C LEU D 219 5.52 -18.77 -42.24
N TYR D 220 5.49 -18.47 -40.94
CA TYR D 220 5.50 -17.07 -40.52
C TYR D 220 6.76 -16.42 -41.06
N ARG D 221 7.88 -17.13 -40.96
CA ARG D 221 9.15 -16.61 -41.47
C ARG D 221 9.10 -16.44 -43.01
N ALA D 222 8.59 -17.43 -43.72
CA ALA D 222 8.50 -17.36 -45.16
C ALA D 222 7.73 -16.14 -45.65
N PHE D 223 6.70 -15.74 -44.92
CA PHE D 223 5.91 -14.58 -45.32
C PHE D 223 6.49 -13.27 -44.76
N GLY D 224 7.45 -13.41 -43.85
CA GLY D 224 8.04 -12.23 -43.27
C GLY D 224 7.13 -11.63 -42.23
N TRP D 225 6.29 -12.44 -41.59
CA TRP D 225 5.40 -11.92 -40.58
C TRP D 225 5.89 -12.28 -39.18
N GLU D 226 5.37 -11.55 -38.19
CA GLU D 226 5.69 -11.76 -36.79
C GLU D 226 4.80 -12.92 -36.32
N ALA D 227 5.39 -13.87 -35.62
CA ALA D 227 4.65 -15.01 -35.12
C ALA D 227 4.01 -14.65 -33.80
N PRO D 228 2.78 -15.09 -33.57
CA PRO D 228 2.06 -14.82 -32.33
C PRO D 228 2.67 -15.63 -31.22
N ARG D 229 2.09 -15.50 -30.03
CA ARG D 229 2.53 -16.25 -28.87
C ARG D 229 1.77 -17.59 -28.92
N PHE D 230 2.40 -18.65 -28.40
CA PHE D 230 1.79 -19.97 -28.37
C PHE D 230 1.68 -20.51 -26.94
N TYR D 231 0.48 -20.96 -26.59
CA TYR D 231 0.23 -21.56 -25.27
C TYR D 231 -0.50 -22.86 -25.57
N HIS D 232 0.17 -24.00 -25.45
CA HIS D 232 -0.49 -25.28 -25.74
C HIS D 232 -1.02 -25.94 -24.48
N MET D 233 -2.31 -26.25 -24.49
CA MET D 233 -3.01 -26.83 -23.35
C MET D 233 -3.00 -28.34 -23.31
N PRO D 234 -3.32 -28.94 -22.14
CA PRO D 234 -3.36 -30.40 -21.97
C PRO D 234 -4.55 -31.03 -22.70
N LEU D 235 -4.38 -32.25 -23.19
CA LEU D 235 -5.45 -32.95 -23.87
C LEU D 235 -6.33 -33.65 -22.82
N LEU D 236 -7.64 -33.49 -22.91
CA LEU D 236 -8.54 -34.17 -22.00
C LEU D 236 -8.44 -35.68 -22.31
N ARG D 237 -8.49 -36.51 -21.29
CA ARG D 237 -8.33 -37.94 -21.48
C ARG D 237 -9.52 -38.82 -21.06
N ASN D 238 -9.58 -40.03 -21.61
CA ASN D 238 -10.61 -40.99 -21.21
C ASN D 238 -10.15 -41.50 -19.85
N PRO D 239 -11.02 -42.22 -19.13
CA PRO D 239 -10.42 -42.64 -17.86
C PRO D 239 -9.20 -43.58 -17.98
N ASP D 240 -8.93 -44.14 -19.15
CA ASP D 240 -7.76 -45.01 -19.31
C ASP D 240 -6.50 -44.24 -19.75
N LYS D 241 -6.57 -42.91 -19.70
CA LYS D 241 -5.50 -41.96 -20.07
C LYS D 241 -5.27 -41.63 -21.56
N THR D 242 -5.99 -42.28 -22.46
CA THR D 242 -5.85 -41.97 -23.89
C THR D 242 -6.62 -40.66 -24.15
N LYS D 243 -6.37 -39.99 -25.28
CA LYS D 243 -7.10 -38.74 -25.48
C LYS D 243 -8.59 -39.05 -25.61
N ILE D 244 -9.37 -38.32 -24.82
CA ILE D 244 -10.80 -38.46 -24.72
C ILE D 244 -11.42 -38.74 -26.09
N SER D 245 -12.29 -39.75 -26.15
CA SER D 245 -12.90 -40.13 -27.42
C SER D 245 -14.34 -40.57 -27.26
N LYS D 246 -15.11 -40.50 -28.35
CA LYS D 246 -16.53 -40.83 -28.34
C LYS D 246 -16.89 -42.25 -27.90
N ARG D 247 -15.96 -43.18 -28.02
CA ARG D 247 -16.24 -44.56 -27.62
C ARG D 247 -16.11 -44.79 -26.12
N LYS D 248 -15.03 -44.28 -25.53
CA LYS D 248 -14.82 -44.50 -24.10
C LYS D 248 -15.39 -43.47 -23.12
N SER D 249 -15.91 -42.36 -23.63
CA SER D 249 -16.45 -41.29 -22.78
C SER D 249 -17.52 -40.53 -23.51
N HIS D 250 -18.13 -39.56 -22.86
CA HIS D 250 -19.10 -38.76 -23.55
C HIS D 250 -18.36 -37.51 -23.93
N THR D 251 -18.16 -37.31 -25.22
CA THR D 251 -17.44 -36.14 -25.68
C THR D 251 -18.36 -35.07 -26.32
N SER D 252 -19.64 -35.41 -26.49
CA SER D 252 -20.61 -34.51 -27.08
C SER D 252 -21.28 -33.65 -26.03
N LEU D 253 -21.23 -32.34 -26.21
CA LEU D 253 -21.87 -31.46 -25.26
C LEU D 253 -23.38 -31.63 -25.27
N ASP D 254 -23.93 -32.08 -26.38
CA ASP D 254 -25.36 -32.25 -26.43
C ASP D 254 -25.75 -33.39 -25.52
N TRP D 255 -24.83 -34.31 -25.27
CA TRP D 255 -25.18 -35.42 -24.38
C TRP D 255 -25.26 -34.92 -22.94
N TYR D 256 -24.34 -34.05 -22.54
CA TYR D 256 -24.38 -33.53 -21.18
C TYR D 256 -25.64 -32.71 -20.97
N LYS D 257 -25.98 -31.91 -21.97
CA LYS D 257 -27.18 -31.10 -21.86
C LYS D 257 -28.38 -32.03 -21.72
N ALA D 258 -28.42 -33.09 -22.52
CA ALA D 258 -29.52 -34.04 -22.49
C ALA D 258 -29.62 -34.86 -21.22
N GLU D 259 -28.50 -35.11 -20.56
CA GLU D 259 -28.50 -35.92 -19.34
C GLU D 259 -28.81 -35.11 -18.11
N GLY D 260 -29.20 -33.86 -18.30
CA GLY D 260 -29.53 -33.03 -17.17
C GLY D 260 -28.40 -32.33 -16.47
N PHE D 261 -27.28 -32.06 -17.17
CA PHE D 261 -26.17 -31.33 -16.54
C PHE D 261 -26.32 -29.84 -16.76
N LEU D 262 -26.04 -29.08 -15.70
CA LEU D 262 -26.15 -27.63 -15.79
C LEU D 262 -24.94 -27.12 -16.54
N PRO D 263 -25.15 -26.25 -17.54
CA PRO D 263 -24.00 -25.73 -18.27
C PRO D 263 -23.04 -24.96 -17.36
N GLU D 264 -23.55 -24.32 -16.31
CA GLU D 264 -22.63 -23.58 -15.42
C GLU D 264 -21.73 -24.53 -14.66
N ALA D 265 -22.19 -25.74 -14.40
CA ALA D 265 -21.35 -26.72 -13.68
C ALA D 265 -20.27 -27.27 -14.59
N LEU D 266 -20.69 -27.59 -15.81
CA LEU D 266 -19.82 -28.14 -16.81
C LEU D 266 -18.70 -27.15 -17.04
N ARG D 267 -19.09 -25.91 -17.24
CA ARG D 267 -18.16 -24.82 -17.47
C ARG D 267 -17.13 -24.82 -16.37
N ASN D 268 -17.62 -24.82 -15.13
CA ASN D 268 -16.79 -24.80 -13.95
C ASN D 268 -15.91 -26.06 -13.88
N TYR D 269 -16.44 -27.22 -14.28
CA TYR D 269 -15.64 -28.45 -14.24
C TYR D 269 -14.46 -28.33 -15.20
N LEU D 270 -14.74 -27.88 -16.42
CA LEU D 270 -13.70 -27.70 -17.43
C LEU D 270 -12.57 -26.78 -16.92
N CYS D 271 -12.92 -25.86 -16.03
CA CYS D 271 -11.94 -24.93 -15.47
C CYS D 271 -10.95 -25.63 -14.57
N LEU D 272 -11.42 -26.54 -13.73
CA LEU D 272 -10.53 -27.25 -12.84
C LEU D 272 -9.64 -28.28 -13.59
N MET D 273 -9.72 -28.30 -14.92
CA MET D 273 -8.92 -29.21 -15.73
C MET D 273 -7.69 -28.43 -16.21
N GLY D 274 -6.56 -28.63 -15.54
CA GLY D 274 -5.35 -27.93 -15.92
C GLY D 274 -5.25 -26.53 -15.32
N PHE D 275 -6.15 -26.20 -14.41
CA PHE D 275 -6.12 -24.89 -13.78
C PHE D 275 -6.75 -24.98 -12.41
N SER D 276 -6.33 -24.08 -11.51
CA SER D 276 -6.86 -24.07 -10.17
C SER D 276 -6.80 -22.66 -9.66
N MET D 277 -7.77 -22.31 -8.82
CA MET D 277 -7.85 -20.98 -8.21
C MET D 277 -6.85 -20.91 -7.06
N PRO D 278 -6.21 -19.74 -6.89
CA PRO D 278 -5.22 -19.54 -5.82
C PRO D 278 -5.71 -19.91 -4.42
N ASP D 279 -6.90 -19.45 -4.04
CA ASP D 279 -7.46 -19.76 -2.72
C ASP D 279 -8.05 -21.15 -2.64
N GLY D 280 -7.82 -21.97 -3.66
CA GLY D 280 -8.33 -23.33 -3.64
C GLY D 280 -9.84 -23.53 -3.69
N ARG D 281 -10.62 -22.49 -3.99
CA ARG D 281 -12.07 -22.69 -4.04
C ARG D 281 -12.35 -23.42 -5.33
N GLU D 282 -13.30 -24.36 -5.28
CA GLU D 282 -13.68 -25.15 -6.46
C GLU D 282 -14.93 -24.65 -7.18
N ILE D 283 -15.80 -23.97 -6.45
CA ILE D 283 -17.01 -23.45 -7.06
C ILE D 283 -16.87 -21.93 -7.23
N PHE D 284 -16.85 -21.49 -8.48
CA PHE D 284 -16.73 -20.07 -8.77
C PHE D 284 -17.49 -19.75 -10.05
N THR D 285 -17.80 -18.47 -10.28
CA THR D 285 -18.54 -18.10 -11.51
C THR D 285 -17.56 -17.91 -12.65
N LEU D 286 -18.09 -17.82 -13.87
CA LEU D 286 -17.25 -17.62 -15.02
C LEU D 286 -16.57 -16.25 -14.92
N GLU D 287 -17.21 -15.27 -14.29
CA GLU D 287 -16.56 -13.96 -14.17
C GLU D 287 -15.40 -14.11 -13.21
N GLU D 288 -15.62 -14.86 -12.14
CA GLU D 288 -14.58 -15.05 -11.15
C GLU D 288 -13.38 -15.75 -11.77
N PHE D 289 -13.65 -16.57 -12.78
CA PHE D 289 -12.63 -17.31 -13.49
C PHE D 289 -11.68 -16.40 -14.28
N ILE D 290 -12.24 -15.64 -15.22
CA ILE D 290 -11.44 -14.76 -16.04
C ILE D 290 -10.65 -13.78 -15.17
N GLN D 291 -11.24 -13.33 -14.08
CA GLN D 291 -10.54 -12.41 -13.21
C GLN D 291 -9.38 -13.04 -12.45
N ALA D 292 -9.51 -14.30 -12.07
CA ALA D 292 -8.43 -14.94 -11.35
C ALA D 292 -7.47 -15.66 -12.30
N PHE D 293 -7.80 -15.69 -13.58
CA PHE D 293 -6.95 -16.39 -14.54
C PHE D 293 -5.52 -15.88 -14.65
N THR D 294 -4.60 -16.81 -14.87
CA THR D 294 -3.19 -16.50 -15.00
C THR D 294 -2.44 -17.74 -15.43
N TRP D 295 -1.57 -17.60 -16.42
CA TRP D 295 -0.80 -18.75 -16.90
C TRP D 295 0.07 -19.45 -15.87
N GLU D 296 0.30 -18.83 -14.72
CA GLU D 296 1.11 -19.45 -13.66
C GLU D 296 0.28 -20.56 -12.99
N ARG D 297 -1.04 -20.47 -13.07
CA ARG D 297 -1.91 -21.45 -12.43
C ARG D 297 -2.36 -22.60 -13.32
N VAL D 298 -1.70 -22.81 -14.45
CA VAL D 298 -2.07 -23.89 -15.36
C VAL D 298 -1.13 -25.09 -15.26
N SER D 299 -1.67 -26.28 -15.01
CA SER D 299 -0.87 -27.53 -14.89
C SER D 299 -0.84 -28.23 -16.23
N LEU D 300 0.31 -28.76 -16.61
CA LEU D 300 0.45 -29.40 -17.91
C LEU D 300 0.12 -30.89 -18.10
N GLY D 301 -0.10 -31.64 -17.03
CA GLY D 301 -0.43 -33.04 -17.27
C GLY D 301 -1.81 -33.30 -17.88
N GLY D 302 -1.93 -34.31 -18.74
CA GLY D 302 -3.22 -34.64 -19.35
C GLY D 302 -4.29 -35.09 -18.36
N PRO D 303 -5.28 -34.24 -18.08
CA PRO D 303 -6.35 -34.57 -17.13
C PRO D 303 -7.43 -35.58 -17.57
N VAL D 304 -7.73 -36.51 -16.68
CA VAL D 304 -8.79 -37.47 -16.94
C VAL D 304 -10.10 -36.75 -16.62
N PHE D 305 -11.05 -36.79 -17.55
CA PHE D 305 -12.34 -36.16 -17.34
C PHE D 305 -13.11 -37.19 -16.54
N ASP D 306 -13.39 -36.84 -15.28
CA ASP D 306 -14.10 -37.70 -14.33
C ASP D 306 -15.59 -37.38 -14.11
N LEU D 307 -16.46 -38.15 -14.74
CA LEU D 307 -17.90 -37.95 -14.62
C LEU D 307 -18.42 -37.84 -13.20
N GLU D 308 -17.78 -38.56 -12.28
CA GLU D 308 -18.22 -38.53 -10.90
C GLU D 308 -18.05 -37.17 -10.24
N LYS D 309 -16.91 -36.52 -10.46
CA LYS D 309 -16.69 -35.19 -9.88
C LYS D 309 -17.64 -34.20 -10.58
N LEU D 310 -17.86 -34.40 -11.88
CA LEU D 310 -18.76 -33.52 -12.63
C LEU D 310 -20.16 -33.68 -12.07
N ARG D 311 -20.54 -34.90 -11.69
CA ARG D 311 -21.89 -35.07 -11.12
C ARG D 311 -21.94 -34.39 -9.77
N TRP D 312 -20.86 -34.51 -9.00
CA TRP D 312 -20.82 -33.88 -7.72
C TRP D 312 -20.98 -32.37 -7.88
N MET D 313 -20.18 -31.81 -8.78
CA MET D 313 -20.22 -30.39 -9.00
C MET D 313 -21.61 -29.97 -9.44
N ASN D 314 -22.23 -30.80 -10.26
CA ASN D 314 -23.54 -30.45 -10.76
C ASN D 314 -24.52 -30.34 -9.61
N GLY D 315 -24.41 -31.26 -8.67
CA GLY D 315 -25.29 -31.24 -7.51
C GLY D 315 -24.98 -30.10 -6.52
N LYS D 316 -23.74 -29.66 -6.49
CA LYS D 316 -23.34 -28.57 -5.61
C LYS D 316 -24.04 -27.32 -6.18
N TYR D 317 -24.08 -27.21 -7.50
CA TYR D 317 -24.73 -26.08 -8.12
C TYR D 317 -26.22 -26.14 -7.83
N ILE D 318 -26.83 -27.29 -8.05
CA ILE D 318 -28.25 -27.45 -7.81
C ILE D 318 -28.62 -27.09 -6.39
N ARG D 319 -27.69 -27.24 -5.46
CA ARG D 319 -28.12 -26.92 -4.11
C ARG D 319 -27.53 -25.68 -3.44
N GLU D 320 -26.46 -25.14 -4.00
CA GLU D 320 -25.83 -23.96 -3.40
C GLU D 320 -25.68 -22.76 -4.30
N VAL D 321 -25.68 -22.94 -5.61
CA VAL D 321 -25.49 -21.79 -6.47
C VAL D 321 -26.77 -21.26 -7.05
N LEU D 322 -27.60 -22.14 -7.56
CA LEU D 322 -28.86 -21.71 -8.14
C LEU D 322 -29.88 -21.51 -7.05
N SER D 323 -30.84 -20.66 -7.34
CA SER D 323 -31.94 -20.42 -6.41
C SER D 323 -32.94 -21.57 -6.57
N LEU D 324 -33.79 -21.71 -5.56
CA LEU D 324 -34.80 -22.76 -5.60
C LEU D 324 -35.64 -22.58 -6.87
N GLU D 325 -35.98 -21.33 -7.19
CA GLU D 325 -36.79 -21.02 -8.35
C GLU D 325 -36.10 -21.34 -9.65
N GLU D 326 -34.81 -21.11 -9.73
CA GLU D 326 -34.15 -21.45 -10.98
C GLU D 326 -34.08 -22.95 -11.16
N VAL D 327 -33.85 -23.67 -10.08
CA VAL D 327 -33.79 -25.10 -10.22
C VAL D 327 -35.15 -25.63 -10.69
N ALA D 328 -36.23 -25.05 -10.17
CA ALA D 328 -37.57 -25.50 -10.52
C ALA D 328 -37.96 -25.21 -11.96
N GLU D 329 -37.26 -24.29 -12.62
CA GLU D 329 -37.55 -24.01 -14.03
C GLU D 329 -36.73 -24.97 -14.87
N ARG D 330 -35.52 -25.21 -14.43
CA ARG D 330 -34.65 -26.10 -15.15
C ARG D 330 -35.09 -27.55 -15.11
N VAL D 331 -35.96 -27.87 -14.18
CA VAL D 331 -36.43 -29.23 -14.01
C VAL D 331 -37.59 -29.58 -14.95
N LYS D 332 -38.36 -28.57 -15.36
CA LYS D 332 -39.54 -28.72 -16.20
C LYS D 332 -39.40 -29.57 -17.48
N PRO D 333 -38.41 -29.27 -18.32
CA PRO D 333 -38.26 -30.07 -19.54
C PRO D 333 -38.00 -31.54 -19.27
N PHE D 334 -37.39 -31.82 -18.13
CA PHE D 334 -37.14 -33.20 -17.77
C PHE D 334 -38.37 -33.86 -17.20
N LEU D 335 -39.28 -33.08 -16.63
CA LEU D 335 -40.50 -33.65 -16.10
C LEU D 335 -41.37 -33.95 -17.30
N ARG D 336 -41.36 -33.04 -18.27
CA ARG D 336 -42.15 -33.24 -19.49
C ARG D 336 -41.64 -34.41 -20.31
N GLU D 337 -40.33 -34.54 -20.42
CA GLU D 337 -39.74 -35.63 -21.18
C GLU D 337 -40.04 -37.00 -20.50
N ALA D 338 -40.44 -36.99 -19.23
CA ALA D 338 -40.75 -38.21 -18.51
C ALA D 338 -42.27 -38.48 -18.51
N GLY D 339 -43.02 -37.55 -19.10
CA GLY D 339 -44.46 -37.69 -19.15
C GLY D 339 -45.14 -37.35 -17.84
N LEU D 340 -44.46 -36.57 -17.00
CA LEU D 340 -45.02 -36.17 -15.71
C LEU D 340 -45.55 -34.75 -15.79
N SER D 341 -46.53 -34.46 -14.96
CA SER D 341 -47.15 -33.15 -14.92
C SER D 341 -47.13 -32.63 -13.48
N TRP D 342 -47.26 -31.32 -13.30
CA TRP D 342 -47.31 -30.75 -11.96
C TRP D 342 -48.57 -29.90 -11.86
N GLU D 343 -49.24 -29.97 -10.72
CA GLU D 343 -50.48 -29.24 -10.58
C GLU D 343 -50.37 -27.71 -10.68
N SER D 344 -49.30 -27.14 -10.12
CA SER D 344 -49.10 -25.70 -10.15
C SER D 344 -47.63 -25.35 -9.95
N GLU D 345 -47.30 -24.06 -9.98
CA GLU D 345 -45.91 -23.68 -9.73
C GLU D 345 -45.58 -23.92 -8.27
N ALA D 346 -46.49 -23.54 -7.39
CA ALA D 346 -46.23 -23.69 -5.96
C ALA D 346 -45.96 -25.13 -5.58
N TYR D 347 -46.67 -26.06 -6.23
CA TYR D 347 -46.45 -27.46 -5.93
C TYR D 347 -45.07 -27.88 -6.37
N LEU D 348 -44.76 -27.62 -7.63
CA LEU D 348 -43.47 -27.97 -8.19
C LEU D 348 -42.35 -27.45 -7.31
N ARG D 349 -42.41 -26.15 -7.03
CA ARG D 349 -41.37 -25.52 -6.22
C ARG D 349 -41.21 -26.24 -4.90
N ARG D 350 -42.33 -26.58 -4.28
CA ARG D 350 -42.26 -27.28 -3.02
C ARG D 350 -41.65 -28.68 -3.19
N ALA D 351 -41.95 -29.34 -4.31
CA ALA D 351 -41.43 -30.66 -4.57
C ALA D 351 -39.93 -30.54 -4.80
N VAL D 352 -39.50 -29.55 -5.58
CA VAL D 352 -38.09 -29.36 -5.83
C VAL D 352 -37.35 -29.03 -4.52
N GLU D 353 -37.98 -28.26 -3.63
CA GLU D 353 -37.32 -27.91 -2.39
C GLU D 353 -37.00 -29.15 -1.54
N LEU D 354 -37.98 -30.01 -1.32
CA LEU D 354 -37.79 -31.23 -0.54
C LEU D 354 -36.72 -32.14 -1.13
N MET D 355 -36.62 -32.13 -2.45
CA MET D 355 -35.71 -32.98 -3.17
C MET D 355 -34.34 -32.38 -3.47
N ARG D 356 -34.17 -31.07 -3.28
CA ARG D 356 -32.90 -30.43 -3.61
C ARG D 356 -31.63 -31.16 -3.21
N PRO D 357 -31.56 -31.69 -1.99
CA PRO D 357 -30.30 -32.38 -1.69
C PRO D 357 -30.28 -33.84 -2.11
N ARG D 358 -31.27 -34.27 -2.88
CA ARG D 358 -31.34 -35.67 -3.29
C ARG D 358 -31.18 -35.99 -4.77
N PHE D 359 -30.68 -35.07 -5.59
CA PHE D 359 -30.45 -35.38 -6.99
C PHE D 359 -29.28 -34.54 -7.51
N ASP D 360 -28.42 -35.16 -8.33
CA ASP D 360 -27.24 -34.50 -8.89
C ASP D 360 -27.42 -34.02 -10.33
N THR D 361 -28.37 -34.59 -11.04
CA THR D 361 -28.61 -34.14 -12.40
C THR D 361 -30.09 -33.85 -12.50
N LEU D 362 -30.48 -32.98 -13.43
CA LEU D 362 -31.87 -32.62 -13.61
C LEU D 362 -32.70 -33.82 -14.00
N LYS D 363 -32.09 -34.76 -14.71
CA LYS D 363 -32.79 -35.94 -15.15
C LYS D 363 -33.14 -36.88 -13.99
N GLU D 364 -32.43 -36.74 -12.88
CA GLU D 364 -32.70 -37.60 -11.73
C GLU D 364 -33.88 -37.17 -10.89
N PHE D 365 -34.34 -35.94 -11.08
CA PHE D 365 -35.47 -35.48 -10.30
C PHE D 365 -36.72 -36.29 -10.60
N PRO D 366 -37.13 -36.38 -11.89
CA PRO D 366 -38.30 -37.15 -12.30
C PRO D 366 -38.22 -38.61 -11.88
N GLU D 367 -36.99 -39.15 -11.77
CA GLU D 367 -36.78 -40.54 -11.37
C GLU D 367 -36.98 -40.79 -9.88
N LYS D 368 -36.28 -40.00 -9.06
CA LYS D 368 -36.34 -40.16 -7.60
C LYS D 368 -37.58 -39.59 -6.94
N ALA D 369 -38.22 -38.63 -7.61
CA ALA D 369 -39.41 -38.00 -7.06
C ALA D 369 -40.65 -38.31 -7.90
N ARG D 370 -40.63 -39.45 -8.58
CA ARG D 370 -41.75 -39.82 -9.41
C ARG D 370 -43.10 -39.92 -8.66
N TYR D 371 -43.07 -40.45 -7.45
CA TYR D 371 -44.29 -40.60 -6.66
C TYR D 371 -44.99 -39.29 -6.32
N LEU D 372 -44.25 -38.18 -6.39
CA LEU D 372 -44.82 -36.88 -6.07
C LEU D 372 -45.65 -36.30 -7.21
N PHE D 373 -45.49 -36.86 -8.41
CA PHE D 373 -46.21 -36.38 -9.58
C PHE D 373 -47.20 -37.33 -10.22
N THR D 374 -47.04 -38.62 -9.96
CA THR D 374 -47.94 -39.57 -10.57
C THR D 374 -48.26 -40.72 -9.62
N GLU D 375 -49.36 -41.39 -9.92
CA GLU D 375 -49.78 -42.53 -9.14
C GLU D 375 -49.10 -43.76 -9.72
N ASP D 376 -48.35 -43.57 -10.81
CA ASP D 376 -47.64 -44.65 -11.51
C ASP D 376 -46.16 -44.72 -11.13
N TYR D 377 -45.90 -45.21 -9.92
CA TYR D 377 -44.52 -45.28 -9.38
C TYR D 377 -44.14 -46.65 -8.84
N PRO D 378 -42.86 -47.03 -8.99
CA PRO D 378 -42.36 -48.32 -8.52
C PRO D 378 -42.41 -48.48 -7.00
N VAL D 379 -42.43 -49.73 -6.54
CA VAL D 379 -42.46 -50.04 -5.10
C VAL D 379 -41.27 -50.96 -4.80
N SER D 380 -40.28 -50.45 -4.05
CA SER D 380 -39.12 -51.25 -3.74
C SER D 380 -39.50 -52.43 -2.86
N GLU D 381 -38.79 -53.54 -3.06
CA GLU D 381 -39.03 -54.75 -2.29
C GLU D 381 -38.97 -54.43 -0.81
N LYS D 382 -37.89 -53.77 -0.40
CA LYS D 382 -37.71 -53.39 1.00
C LYS D 382 -38.85 -52.53 1.56
N ALA D 383 -39.40 -51.63 0.74
CA ALA D 383 -40.50 -50.77 1.17
C ALA D 383 -41.76 -51.62 1.32
N GLN D 384 -41.88 -52.64 0.47
CA GLN D 384 -43.00 -53.57 0.50
C GLN D 384 -42.95 -54.39 1.82
N ARG D 385 -41.76 -54.89 2.16
CA ARG D 385 -41.60 -55.65 3.38
C ARG D 385 -41.89 -54.78 4.57
N LYS D 386 -41.41 -53.54 4.57
CA LYS D 386 -41.65 -52.64 5.69
C LYS D 386 -43.13 -52.33 5.81
N LEU D 387 -43.84 -52.43 4.70
CA LEU D 387 -45.27 -52.15 4.69
C LEU D 387 -46.07 -53.25 5.37
N GLU D 388 -45.74 -54.51 5.08
CA GLU D 388 -46.46 -55.61 5.69
C GLU D 388 -46.18 -55.74 7.18
N GLU D 389 -44.92 -55.61 7.53
CA GLU D 389 -44.50 -55.70 8.93
C GLU D 389 -45.24 -54.66 9.82
N GLY D 390 -45.64 -53.53 9.23
CA GLY D 390 -46.30 -52.49 9.99
C GLY D 390 -47.74 -52.17 9.60
N LEU D 391 -48.32 -53.08 8.83
CA LEU D 391 -49.70 -52.98 8.34
C LEU D 391 -50.72 -52.85 9.46
N PRO D 392 -50.49 -53.50 10.62
CA PRO D 392 -51.46 -53.39 11.71
C PRO D 392 -51.41 -52.03 12.40
N LEU D 393 -50.20 -51.51 12.59
CA LEU D 393 -50.03 -50.21 13.23
C LEU D 393 -50.69 -49.12 12.39
N LEU D 394 -50.55 -49.22 11.06
CA LEU D 394 -51.13 -48.25 10.14
C LEU D 394 -52.66 -48.26 10.20
N LYS D 395 -53.24 -49.44 10.36
CA LYS D 395 -54.69 -49.52 10.43
C LYS D 395 -55.21 -48.85 11.69
N GLU D 396 -54.41 -48.86 12.75
CA GLU D 396 -54.86 -48.22 13.97
C GLU D 396 -54.63 -46.72 13.85
N LEU D 397 -53.75 -46.32 12.95
CA LEU D 397 -53.47 -44.90 12.79
C LEU D 397 -54.39 -44.26 11.75
N TYR D 398 -54.87 -45.06 10.82
CA TYR D 398 -55.74 -44.54 9.78
C TYR D 398 -56.90 -43.69 10.31
N PRO D 399 -57.71 -44.23 11.25
CA PRO D 399 -58.82 -43.43 11.77
C PRO D 399 -58.37 -42.08 12.32
N ARG D 400 -57.29 -42.08 13.09
CA ARG D 400 -56.82 -40.82 13.65
C ARG D 400 -56.50 -39.81 12.56
N LEU D 401 -55.87 -40.28 11.47
CA LEU D 401 -55.55 -39.38 10.37
C LEU D 401 -56.83 -38.92 9.71
N ARG D 402 -57.80 -39.81 9.62
CA ARG D 402 -59.05 -39.47 8.98
C ARG D 402 -59.79 -38.37 9.73
N ALA D 403 -59.63 -38.35 11.05
CA ALA D 403 -60.31 -37.36 11.88
C ALA D 403 -59.50 -36.10 12.03
N GLN D 404 -58.22 -36.14 11.68
CA GLN D 404 -57.32 -34.98 11.78
C GLN D 404 -57.79 -33.81 10.89
N GLU D 405 -58.00 -32.66 11.50
CA GLU D 405 -58.44 -31.49 10.75
C GLU D 405 -57.26 -30.67 10.27
N GLU D 406 -56.37 -30.36 11.22
CA GLU D 406 -55.18 -29.55 10.95
C GLU D 406 -54.15 -30.36 10.16
N TRP D 407 -54.13 -30.22 8.84
CA TRP D 407 -53.19 -30.98 8.05
C TRP D 407 -51.92 -30.24 7.73
N THR D 408 -51.09 -30.02 8.75
CA THR D 408 -49.83 -29.32 8.59
C THR D 408 -48.74 -30.12 9.21
N GLU D 409 -47.52 -29.91 8.74
CA GLU D 409 -46.37 -30.62 9.25
C GLU D 409 -46.29 -30.61 10.78
N ALA D 410 -46.62 -29.49 11.41
CA ALA D 410 -46.55 -29.42 12.86
C ALA D 410 -47.61 -30.26 13.54
N ALA D 411 -48.85 -30.16 13.10
CA ALA D 411 -49.90 -30.94 13.76
C ALA D 411 -49.75 -32.43 13.43
N LEU D 412 -49.20 -32.72 12.27
CA LEU D 412 -49.01 -34.11 11.87
C LEU D 412 -47.90 -34.75 12.68
N GLU D 413 -46.85 -34.00 13.02
CA GLU D 413 -45.76 -34.56 13.82
C GLU D 413 -46.20 -34.80 15.26
N ALA D 414 -46.93 -33.85 15.82
CA ALA D 414 -47.42 -34.00 17.18
C ALA D 414 -48.35 -35.22 17.22
N LEU D 415 -49.17 -35.36 16.19
CA LEU D 415 -50.11 -36.46 16.11
C LEU D 415 -49.43 -37.83 16.05
N LEU D 416 -48.42 -37.99 15.19
CA LEU D 416 -47.73 -39.28 15.07
C LEU D 416 -46.84 -39.61 16.28
N ARG D 417 -46.14 -38.61 16.83
CA ARG D 417 -45.31 -38.87 17.99
C ARG D 417 -46.22 -39.25 19.15
N GLY D 418 -47.39 -38.63 19.21
CA GLY D 418 -48.33 -38.97 20.27
C GLY D 418 -48.77 -40.40 20.10
N PHE D 419 -49.12 -40.75 18.87
CA PHE D 419 -49.58 -42.10 18.58
C PHE D 419 -48.50 -43.13 18.85
N ALA D 420 -47.25 -42.80 18.61
CA ALA D 420 -46.15 -43.74 18.88
C ALA D 420 -46.02 -44.02 20.39
N ALA D 421 -46.08 -42.96 21.19
CA ALA D 421 -45.98 -43.08 22.63
C ALA D 421 -47.13 -43.93 23.18
N GLU D 422 -48.35 -43.55 22.82
CA GLU D 422 -49.56 -44.26 23.25
C GLU D 422 -49.43 -45.76 22.99
N LYS D 423 -48.96 -46.08 21.80
CA LYS D 423 -48.79 -47.46 21.37
C LYS D 423 -47.46 -48.03 21.87
N GLY D 424 -46.72 -47.22 22.63
CA GLY D 424 -45.44 -47.64 23.18
C GLY D 424 -44.48 -48.18 22.13
N VAL D 425 -44.12 -47.33 21.16
CA VAL D 425 -43.26 -47.74 20.07
C VAL D 425 -42.44 -46.53 19.57
N LYS D 426 -41.35 -46.79 18.83
CA LYS D 426 -40.51 -45.72 18.29
C LYS D 426 -41.18 -45.09 17.06
N LEU D 427 -41.05 -43.77 16.92
CA LEU D 427 -41.64 -43.06 15.79
C LEU D 427 -41.28 -43.71 14.45
N GLY D 428 -40.04 -44.17 14.35
CA GLY D 428 -39.58 -44.81 13.13
C GLY D 428 -40.38 -46.04 12.75
N GLN D 429 -40.97 -46.68 13.75
CA GLN D 429 -41.76 -47.89 13.50
C GLN D 429 -43.09 -47.57 12.88
N VAL D 430 -43.48 -46.29 12.97
CA VAL D 430 -44.75 -45.86 12.39
C VAL D 430 -44.44 -45.06 11.14
N ALA D 431 -43.40 -44.23 11.22
CA ALA D 431 -42.98 -43.39 10.12
C ALA D 431 -42.48 -44.20 8.94
N GLN D 432 -41.72 -45.25 9.21
CA GLN D 432 -41.19 -46.05 8.11
C GLN D 432 -42.22 -46.73 7.22
N PRO D 433 -43.15 -47.51 7.80
CA PRO D 433 -44.13 -48.15 6.92
C PRO D 433 -45.08 -47.13 6.27
N LEU D 434 -45.27 -46.00 6.93
CA LEU D 434 -46.13 -44.98 6.37
C LEU D 434 -45.44 -44.39 5.14
N ARG D 435 -44.13 -44.21 5.21
CA ARG D 435 -43.35 -43.69 4.09
C ARG D 435 -43.52 -44.66 2.91
N ALA D 436 -43.47 -45.95 3.19
CA ALA D 436 -43.63 -46.99 2.19
C ALA D 436 -45.02 -46.93 1.52
N ALA D 437 -46.06 -46.66 2.30
CA ALA D 437 -47.40 -46.58 1.76
C ALA D 437 -47.60 -45.33 0.90
N LEU D 438 -46.95 -44.24 1.29
CA LEU D 438 -47.07 -42.99 0.55
C LEU D 438 -46.18 -42.82 -0.67
N THR D 439 -44.95 -43.33 -0.59
CA THR D 439 -43.99 -43.15 -1.66
C THR D 439 -43.56 -44.38 -2.44
N GLY D 440 -43.76 -45.56 -1.86
CA GLY D 440 -43.34 -46.78 -2.52
C GLY D 440 -41.83 -46.94 -2.39
N SER D 441 -41.28 -46.22 -1.41
CA SER D 441 -39.85 -46.21 -1.19
C SER D 441 -39.44 -45.97 0.26
N LEU D 442 -38.19 -46.27 0.58
CA LEU D 442 -37.68 -46.08 1.93
C LEU D 442 -36.60 -44.98 1.96
N GLU D 443 -36.27 -44.42 0.79
CA GLU D 443 -35.26 -43.37 0.66
C GLU D 443 -35.98 -42.13 0.14
N THR D 444 -36.44 -41.31 1.07
CA THR D 444 -37.25 -40.16 0.70
C THR D 444 -36.99 -38.93 1.57
N PRO D 445 -37.71 -37.84 1.32
CA PRO D 445 -37.42 -36.71 2.21
C PRO D 445 -38.20 -36.89 3.53
N GLY D 446 -38.17 -35.90 4.41
CA GLY D 446 -38.87 -36.01 5.67
C GLY D 446 -40.32 -36.46 5.52
N LEU D 447 -40.74 -37.30 6.47
CA LEU D 447 -42.10 -37.83 6.51
C LEU D 447 -43.21 -36.78 6.68
N PHE D 448 -43.05 -35.88 7.64
CA PHE D 448 -44.09 -34.90 7.89
C PHE D 448 -44.28 -33.97 6.71
N GLU D 449 -43.21 -33.62 6.01
CA GLU D 449 -43.36 -32.74 4.85
C GLU D 449 -43.90 -33.47 3.60
N ILE D 450 -43.66 -34.76 3.54
CA ILE D 450 -44.11 -35.62 2.45
C ILE D 450 -45.61 -35.97 2.62
N LEU D 451 -46.05 -35.94 3.86
CA LEU D 451 -47.41 -36.26 4.22
C LEU D 451 -48.28 -35.02 4.10
N ALA D 452 -47.68 -33.85 4.32
CA ALA D 452 -48.39 -32.59 4.26
C ALA D 452 -48.56 -32.09 2.84
N LEU D 453 -47.49 -32.19 2.07
CA LEU D 453 -47.48 -31.74 0.68
C LEU D 453 -48.70 -32.08 -0.19
N LEU D 454 -49.07 -33.35 -0.25
CA LEU D 454 -50.20 -33.71 -1.08
C LEU D 454 -51.57 -33.33 -0.54
N GLY D 455 -51.68 -33.10 0.77
CA GLY D 455 -52.97 -32.75 1.32
C GLY D 455 -53.67 -33.97 1.89
N LYS D 456 -54.52 -33.77 2.89
CA LYS D 456 -55.22 -34.89 3.52
C LYS D 456 -55.91 -35.92 2.61
N GLU D 457 -56.87 -35.52 1.78
CA GLU D 457 -57.54 -36.52 0.96
C GLU D 457 -56.59 -37.29 0.05
N ARG D 458 -55.72 -36.59 -0.65
CA ARG D 458 -54.78 -37.25 -1.56
C ARG D 458 -53.85 -38.22 -0.81
N ALA D 459 -53.43 -37.87 0.40
CA ALA D 459 -52.57 -38.75 1.18
C ALA D 459 -53.39 -39.95 1.70
N LEU D 460 -54.63 -39.71 2.09
CA LEU D 460 -55.50 -40.76 2.58
C LEU D 460 -55.81 -41.76 1.47
N ARG D 461 -56.10 -41.29 0.27
CA ARG D 461 -56.39 -42.21 -0.82
C ARG D 461 -55.23 -43.18 -1.03
N ARG D 462 -54.00 -42.73 -0.93
CA ARG D 462 -52.88 -43.63 -1.11
C ARG D 462 -52.78 -44.62 0.04
N LEU D 463 -52.96 -44.13 1.26
CA LEU D 463 -52.90 -44.98 2.43
C LEU D 463 -53.92 -46.09 2.33
N GLU D 464 -55.11 -45.79 1.81
CA GLU D 464 -56.14 -46.81 1.68
C GLU D 464 -55.74 -47.88 0.69
N ARG D 465 -55.12 -47.52 -0.44
CA ARG D 465 -54.73 -48.55 -1.39
C ARG D 465 -53.70 -49.47 -0.77
N ALA D 466 -52.81 -48.88 0.01
CA ALA D 466 -51.75 -49.66 0.63
C ALA D 466 -52.30 -50.60 1.69
N LEU D 467 -53.40 -50.19 2.34
CA LEU D 467 -54.00 -51.00 3.38
C LEU D 467 -55.08 -51.92 2.83
N ALA D 468 -55.39 -51.77 1.54
CA ALA D 468 -56.41 -52.58 0.92
C ALA D 468 -55.81 -53.91 0.48
MG MG E . 36.23 25.01 49.88
MG MG F . -1.50 -38.92 3.04
CL CL G . 23.70 20.88 16.71
C2 GSU H . 28.64 29.48 21.13
S GSU H . 25.72 29.75 12.76
N GSU H . 26.96 32.30 9.51
CA GSU H . 28.11 31.97 10.38
CB GSU H . 28.47 33.34 10.99
CG GSU H . 29.85 33.51 11.58
CD GSU H . 30.11 34.95 11.97
OE1 GSU H . 31.04 35.60 11.49
OE2 GSU H . 29.28 35.46 12.84
C GSU H . 27.72 31.03 11.55
O GSU H . 28.52 30.60 12.39
N10 GSU H . 26.41 30.72 11.60
O1S GSU H . 26.34 28.44 12.69
O2S GSU H . 24.27 29.68 12.53
O5' GSU H . 26.01 30.33 14.21
C5' GSU H . 25.79 31.67 14.41
C4' GSU H . 26.49 32.32 15.58
O4' GSU H . 26.42 31.46 16.72
C1' GSU H . 27.75 31.04 17.06
N9 GSU H . 27.78 29.63 17.65
C4 GSU H . 28.08 29.29 18.96
N3 GSU H . 28.41 30.14 19.97
N1 GSU H . 28.59 28.16 21.35
C6 GSU H . 28.26 27.33 20.30
N6 GSU H . 28.22 26.00 20.51
C5 GSU H . 27.99 27.92 19.02
N7 GSU H . 27.64 27.40 17.83
C8 GSU H . 27.54 28.45 17.05
C2' GSU H . 28.63 31.24 15.79
O2' GSU H . 30.01 31.33 16.08
C3' GSU H . 27.96 32.49 15.23
O3' GSU H . 28.49 33.65 15.85
CL CL I . -14.20 -38.26 -30.70
C2 GSU J . -8.33 -30.68 -25.26
S GSU J . -10.80 -29.35 -33.64
N GSU J . -9.13 -26.61 -36.44
CA GSU J . -8.07 -27.14 -35.56
CB GSU J . -7.56 -25.92 -34.77
CG GSU J . -6.08 -25.90 -34.49
CD GSU J . -5.57 -24.58 -33.98
OE1 GSU J . -4.57 -24.06 -34.42
OE2 GSU J . -6.27 -24.03 -33.01
C GSU J . -8.64 -28.15 -34.55
O GSU J . -7.98 -28.77 -33.71
N10 GSU J . -9.97 -28.32 -34.63
O1S GSU J . -10.30 -30.69 -33.84
O2S GSU J . -12.20 -29.24 -33.96
O5' GSU J . -10.57 -28.98 -32.11
C5' GSU J . -10.69 -27.64 -31.77
C4' GSU J . -9.97 -27.21 -30.54
O4' GSU J . -10.21 -28.15 -29.49
C1' GSU J . -8.97 -28.76 -29.16
N9 GSU J . -9.09 -30.19 -28.70
C4 GSU J . -8.85 -30.65 -27.43
N3 GSU J . -8.49 -29.91 -26.34
N1 GSU J . -8.49 -31.98 -25.16
C6 GSU J . -8.86 -32.71 -26.27
N6 GSU J . -9.01 -34.03 -26.17
C5 GSU J . -9.08 -32.01 -27.49
N7 GSU J . -9.44 -32.41 -28.73
C8 GSU J . -9.44 -31.30 -29.42
C2' GSU J . -8.00 -28.56 -30.39
O2' GSU J . -6.60 -28.66 -30.04
C3' GSU J . -8.47 -27.20 -30.84
O3' GSU J . -7.75 -26.20 -30.10
#